data_6BXI
#
_entry.id   6BXI
#
_cell.length_a   117.191
_cell.length_b   117.967
_cell.length_c   95.044
_cell.angle_alpha   90.00
_cell.angle_beta   124.88
_cell.angle_gamma   90.00
#
_symmetry.space_group_name_H-M   'C 1 2 1'
#
loop_
_entity.id
_entity.type
_entity.pdbx_description
1 polymer 'Serine/threonine-protein kinase 38'
2 non-polymer 'PHOSPHOAMINOPHOSPHONIC ACID-ADENYLATE ESTER'
3 non-polymer 'MAGNESIUM ION'
4 water water
#
_entity_poly.entity_id   1
_entity_poly.type   'polypeptide(L)'
_entity_poly.pdbx_seq_one_letter_code
;TRLGLEDFESLKVIGRGAFGEVRLVQKKDTGHVYAMKILRKADMLEKEQVGHIRAERDILVEADSLWVVKMFYSFQDKLN
LYLIMEFLPGGDMMTLLMKKDTLTEEETQFYIAETVLAIDSIHQLGFIHRDIKPDNLLLDSKGHVKLSDFGLCTGLKKAH
RTEFYRNLNHSLPSDFTFQNMNSKRKAETWKRNRRQLAFSTVGTPDYIAPEVFMQTGYNKLCDWWSLGVIMYEMLIGYPP
FCSETPQETYKKVMNWKETLTFPPEVPISEKAKDLILRFCCEWEHRIGAPGVEEIKSNSFFEGVDWEHIRERPAAISIEI
KSIDDTSNFDEFP
;
_entity_poly.pdbx_strand_id   A,B
#
# COMPACT_ATOMS: atom_id res chain seq x y z
N THR A 1 -48.87 20.76 16.53
CA THR A 1 -48.84 19.31 16.39
C THR A 1 -47.66 18.85 15.54
N ARG A 2 -47.63 19.28 14.27
CA ARG A 2 -46.50 18.99 13.40
C ARG A 2 -45.28 19.78 13.87
N LEU A 3 -44.11 19.14 13.80
CA LEU A 3 -42.87 19.75 14.22
C LEU A 3 -42.38 20.78 13.21
N GLY A 4 -41.73 21.82 13.71
CA GLY A 4 -41.08 22.81 12.86
C GLY A 4 -39.74 23.21 13.44
N LEU A 5 -39.13 24.24 12.86
CA LEU A 5 -37.82 24.71 13.27
C LEU A 5 -37.69 25.00 14.76
N GLU A 6 -38.69 25.62 15.32
CA GLU A 6 -38.68 25.99 16.71
C GLU A 6 -38.56 24.80 17.69
N ASP A 7 -38.82 23.60 17.21
CA ASP A 7 -38.71 22.42 18.05
C ASP A 7 -37.28 21.91 18.14
N PHE A 8 -36.37 22.57 17.42
CA PHE A 8 -34.98 22.14 17.35
C PHE A 8 -34.03 23.28 17.64
N GLU A 9 -32.89 22.95 18.22
CA GLU A 9 -31.83 23.94 18.39
C GLU A 9 -30.61 23.52 17.56
N SER A 10 -30.16 24.43 16.70
CA SER A 10 -28.96 24.19 15.91
C SER A 10 -27.77 24.21 16.84
N LEU A 11 -26.91 23.21 16.73
CA LEU A 11 -25.73 23.14 17.57
C LEU A 11 -24.49 23.54 16.77
N LYS A 12 -24.38 23.03 15.55
CA LYS A 12 -23.22 23.28 14.72
C LYS A 12 -23.50 22.88 13.27
N VAL A 13 -22.93 23.62 12.32
CA VAL A 13 -22.95 23.23 10.92
C VAL A 13 -21.90 22.14 10.70
N ILE A 14 -22.32 21.01 10.12
CA ILE A 14 -21.44 19.87 9.92
C ILE A 14 -21.27 19.53 8.44
N GLY A 15 -22.06 20.15 7.58
CA GLY A 15 -21.85 19.91 6.16
C GLY A 15 -22.44 20.97 5.28
N ARG A 16 -21.85 21.13 4.10
CA ARG A 16 -22.32 22.06 3.09
C ARG A 16 -22.50 21.38 1.74
N GLY A 17 -23.62 21.64 1.09
CA GLY A 17 -23.82 21.18 -0.26
C GLY A 17 -23.94 22.38 -1.16
N ALA A 18 -24.06 22.13 -2.46
CA ALA A 18 -24.28 23.19 -3.42
C ALA A 18 -25.57 23.98 -3.11
N PHE A 19 -26.59 23.29 -2.59
CA PHE A 19 -27.93 23.89 -2.51
C PHE A 19 -28.54 23.93 -1.11
N GLY A 20 -27.68 23.78 -0.11
CA GLY A 20 -28.09 23.88 1.27
C GLY A 20 -27.00 23.51 2.26
N GLU A 21 -27.38 23.13 3.47
CA GLU A 21 -26.39 22.73 4.45
C GLU A 21 -26.96 21.70 5.41
N VAL A 22 -26.08 21.04 6.14
CA VAL A 22 -26.51 20.06 7.11
C VAL A 22 -26.04 20.49 8.50
N ARG A 23 -26.95 20.51 9.47
CA ARG A 23 -26.62 20.89 10.83
C ARG A 23 -26.79 19.77 11.85
N LEU A 24 -25.99 19.80 12.89
CA LEU A 24 -26.24 19.01 14.07
C LEU A 24 -27.27 19.77 14.90
N VAL A 25 -28.39 19.14 15.25
CA VAL A 25 -29.43 19.82 16.01
C VAL A 25 -29.86 19.00 17.22
N GLN A 26 -30.46 19.67 18.19
CA GLN A 26 -31.01 19.02 19.39
C GLN A 26 -32.51 19.26 19.47
N LYS A 27 -33.29 18.19 19.51
CA LYS A 27 -34.73 18.33 19.76
C LYS A 27 -34.92 18.80 21.20
N LYS A 28 -35.53 19.97 21.35
CA LYS A 28 -35.53 20.69 22.62
C LYS A 28 -36.16 19.92 23.78
N ASP A 29 -37.31 19.32 23.56
CA ASP A 29 -38.06 18.70 24.66
C ASP A 29 -37.45 17.38 25.08
N THR A 30 -36.67 16.79 24.19
CA THR A 30 -36.19 15.44 24.44
C THR A 30 -34.67 15.42 24.63
N GLY A 31 -33.96 16.38 24.06
CA GLY A 31 -32.51 16.44 24.20
C GLY A 31 -31.77 15.52 23.23
N HIS A 32 -32.52 14.74 22.49
CA HIS A 32 -31.96 13.85 21.47
C HIS A 32 -31.29 14.69 20.39
N VAL A 33 -30.29 14.10 19.76
CA VAL A 33 -29.49 14.77 18.76
C VAL A 33 -29.80 14.21 17.36
N TYR A 34 -29.84 15.10 16.37
CA TYR A 34 -30.14 14.71 14.99
C TYR A 34 -29.30 15.51 14.01
N ALA A 35 -29.20 15.01 12.78
CA ALA A 35 -28.72 15.81 11.67
C ALA A 35 -29.92 16.42 10.93
N MET A 36 -29.85 17.72 10.65
CA MET A 36 -30.91 18.39 9.91
C MET A 36 -30.39 18.91 8.58
N LYS A 37 -30.94 18.37 7.49
CA LYS A 37 -30.56 18.82 6.15
C LYS A 37 -31.51 19.94 5.73
N ILE A 38 -30.95 21.02 5.23
CA ILE A 38 -31.70 22.18 4.80
C ILE A 38 -31.45 22.40 3.33
N LEU A 39 -32.52 22.43 2.53
CA LEU A 39 -32.38 22.75 1.12
C LEU A 39 -33.19 24.00 0.78
N ARG A 40 -32.55 24.92 0.05
CA ARG A 40 -33.21 26.16 -0.38
C ARG A 40 -34.23 25.88 -1.48
N LYS A 41 -35.47 26.25 -1.26
CA LYS A 41 -36.52 26.05 -2.27
C LYS A 41 -36.20 26.73 -3.59
N ALA A 42 -35.55 27.88 -3.54
CA ALA A 42 -35.24 28.62 -4.76
C ALA A 42 -34.25 27.86 -5.65
N ASP A 43 -33.56 26.87 -5.09
CA ASP A 43 -32.59 26.07 -5.85
C ASP A 43 -33.19 24.76 -6.34
N MET A 44 -34.37 24.44 -5.84
CA MET A 44 -34.98 23.14 -6.11
C MET A 44 -35.74 23.10 -7.42
N LEU A 45 -36.10 21.88 -7.84
CA LEU A 45 -37.04 21.70 -8.93
C LEU A 45 -38.40 22.30 -8.58
N GLU A 46 -39.33 22.26 -9.51
CA GLU A 46 -40.68 22.80 -9.29
C GLU A 46 -41.39 22.03 -8.17
N LYS A 47 -42.35 22.67 -7.54
CA LYS A 47 -43.02 22.11 -6.38
C LYS A 47 -43.66 20.73 -6.65
N GLU A 48 -44.18 20.51 -7.85
CA GLU A 48 -44.85 19.23 -8.12
C GLU A 48 -43.88 18.07 -8.14
N GLN A 49 -42.71 18.30 -8.74
CA GLN A 49 -41.65 17.27 -8.81
C GLN A 49 -41.10 16.98 -7.43
N VAL A 50 -40.83 18.04 -6.67
CA VAL A 50 -40.33 17.90 -5.30
C VAL A 50 -41.30 17.07 -4.47
N GLY A 51 -42.60 17.34 -4.61
CA GLY A 51 -43.59 16.59 -3.86
C GLY A 51 -43.64 15.13 -4.23
N HIS A 52 -43.55 14.82 -5.52
CA HIS A 52 -43.53 13.44 -5.95
C HIS A 52 -42.26 12.72 -5.49
N ILE A 53 -41.13 13.42 -5.45
CA ILE A 53 -39.88 12.80 -4.99
C ILE A 53 -39.96 12.52 -3.50
N ARG A 54 -40.47 13.47 -2.73
CA ARG A 54 -40.63 13.26 -1.29
C ARG A 54 -41.61 12.12 -1.01
N ALA A 55 -42.67 12.03 -1.82
CA ALA A 55 -43.65 10.96 -1.64
C ALA A 55 -42.99 9.59 -1.86
N GLU A 56 -42.23 9.45 -2.94
CA GLU A 56 -41.57 8.17 -3.23
C GLU A 56 -40.45 7.87 -2.22
N ARG A 57 -39.83 8.92 -1.68
CA ARG A 57 -38.83 8.74 -0.65
C ARG A 57 -39.41 8.04 0.59
N ASP A 58 -40.68 8.29 0.92
CA ASP A 58 -41.29 7.61 2.06
C ASP A 58 -41.41 6.10 1.86
N ILE A 59 -41.49 5.65 0.62
CA ILE A 59 -41.37 4.21 0.33
C ILE A 59 -40.04 3.69 0.85
N LEU A 60 -38.96 4.42 0.57
CA LEU A 60 -37.63 4.02 1.02
C LEU A 60 -37.55 4.07 2.54
N VAL A 61 -38.14 5.10 3.14
CA VAL A 61 -38.16 5.26 4.58
C VAL A 61 -38.91 4.07 5.21
N GLU A 62 -40.02 3.72 4.60
CA GLU A 62 -40.84 2.60 5.03
C GLU A 62 -40.07 1.29 5.00
N ALA A 63 -39.31 1.08 3.93
CA ALA A 63 -38.51 -0.14 3.78
C ALA A 63 -37.43 -0.22 4.85
N ASP A 64 -37.03 0.92 5.39
CA ASP A 64 -36.06 0.97 6.49
C ASP A 64 -34.78 0.15 6.21
N SER A 65 -34.10 0.45 5.12
CA SER A 65 -32.87 -0.26 4.76
C SER A 65 -31.76 0.01 5.77
N LEU A 66 -30.91 -0.99 5.98
CA LEU A 66 -29.70 -0.81 6.79
C LEU A 66 -28.77 0.18 6.11
N TRP A 67 -28.93 0.27 4.80
CA TRP A 67 -27.94 0.90 3.96
C TRP A 67 -28.26 2.35 3.60
N VAL A 68 -29.41 2.86 4.05
CA VAL A 68 -29.78 4.26 3.87
C VAL A 68 -29.96 4.92 5.24
N VAL A 69 -29.44 6.13 5.39
CA VAL A 69 -29.59 6.90 6.62
C VAL A 69 -31.07 6.96 7.03
N LYS A 70 -31.30 6.87 8.33
CA LYS A 70 -32.66 6.84 8.84
C LYS A 70 -33.19 8.26 8.94
N MET A 71 -34.40 8.44 8.39
CA MET A 71 -35.02 9.74 8.31
C MET A 71 -36.27 9.73 9.16
N PHE A 72 -36.41 10.74 10.01
CA PHE A 72 -37.50 10.78 10.97
C PHE A 72 -38.59 11.80 10.65
N TYR A 73 -38.22 13.04 10.38
CA TYR A 73 -39.22 14.06 10.06
C TYR A 73 -38.83 14.91 8.85
N SER A 74 -39.83 15.56 8.26
CA SER A 74 -39.58 16.56 7.24
C SER A 74 -40.64 17.62 7.37
N PHE A 75 -40.22 18.88 7.24
CA PHE A 75 -41.14 20.00 7.23
C PHE A 75 -40.56 21.07 6.31
N GLN A 76 -41.23 22.21 6.21
CA GLN A 76 -40.80 23.29 5.31
C GLN A 76 -41.37 24.62 5.75
N ASP A 77 -40.66 25.69 5.43
CA ASP A 77 -41.19 27.04 5.54
C ASP A 77 -41.15 27.70 4.17
N LYS A 78 -41.22 29.02 4.13
CA LYS A 78 -41.29 29.71 2.84
C LYS A 78 -39.97 29.67 2.09
N LEU A 79 -38.88 29.52 2.83
CA LEU A 79 -37.54 29.51 2.27
C LEU A 79 -37.03 28.10 1.95
N ASN A 80 -37.22 27.18 2.88
CA ASN A 80 -36.44 25.96 2.88
C ASN A 80 -37.24 24.67 2.98
N LEU A 81 -36.61 23.57 2.56
CA LEU A 81 -36.99 22.22 2.90
C LEU A 81 -36.11 21.74 4.05
N TYR A 82 -36.71 21.08 5.03
CA TYR A 82 -35.97 20.53 6.15
C TYR A 82 -36.19 19.04 6.27
N LEU A 83 -35.12 18.31 6.53
CA LEU A 83 -35.21 16.89 6.79
C LEU A 83 -34.46 16.57 8.08
N ILE A 84 -35.17 15.93 9.02
CA ILE A 84 -34.55 15.48 10.26
C ILE A 84 -34.21 14.00 10.14
N MET A 85 -32.94 13.68 10.32
CA MET A 85 -32.48 12.31 10.22
C MET A 85 -31.46 11.98 11.33
N GLU A 86 -31.11 10.70 11.47
CA GLU A 86 -30.08 10.29 12.43
C GLU A 86 -28.75 10.94 12.08
N PHE A 87 -28.03 11.38 13.10
CA PHE A 87 -26.69 11.92 12.96
C PHE A 87 -25.70 10.76 12.88
N LEU A 88 -24.93 10.71 11.79
CA LEU A 88 -23.93 9.67 11.61
C LEU A 88 -22.53 10.28 11.78
N PRO A 89 -21.91 10.06 12.96
CA PRO A 89 -20.69 10.78 13.39
C PRO A 89 -19.38 10.27 12.79
N GLY A 90 -19.44 9.24 11.95
CA GLY A 90 -18.22 8.79 11.27
C GLY A 90 -17.82 9.70 10.12
N GLY A 91 -18.70 10.61 9.72
CA GLY A 91 -18.43 11.53 8.63
C GLY A 91 -18.67 10.93 7.26
N ASP A 92 -18.37 11.69 6.21
CA ASP A 92 -18.54 11.20 4.84
C ASP A 92 -17.21 10.66 4.27
N MET A 93 -17.30 9.91 3.17
CA MET A 93 -16.14 9.26 2.59
C MET A 93 -15.20 10.25 1.91
N MET A 94 -15.71 11.37 1.40
CA MET A 94 -14.86 12.40 0.82
C MET A 94 -13.87 12.92 1.86
N THR A 95 -14.38 13.29 3.02
CA THR A 95 -13.56 13.78 4.11
C THR A 95 -12.57 12.72 4.62
N LEU A 96 -12.99 11.44 4.61
CA LEU A 96 -12.10 10.38 5.04
C LEU A 96 -10.94 10.24 4.07
N LEU A 97 -11.23 10.33 2.78
CA LEU A 97 -10.19 10.23 1.77
C LEU A 97 -9.26 11.45 1.82
N MET A 98 -9.81 12.60 2.23
CA MET A 98 -8.99 13.80 2.44
C MET A 98 -7.96 13.61 3.52
N LYS A 99 -8.31 12.86 4.56
CA LYS A 99 -7.42 12.66 5.70
C LYS A 99 -6.44 11.54 5.47
N LYS A 100 -6.81 10.57 4.63
CA LYS A 100 -5.95 9.39 4.44
C LYS A 100 -5.20 9.37 3.11
N ASP A 101 -5.62 10.22 2.18
CA ASP A 101 -5.04 10.31 0.83
C ASP A 101 -5.44 9.09 -0.02
N THR A 102 -5.03 7.88 0.37
CA THR A 102 -5.56 6.67 -0.26
C THR A 102 -5.89 5.59 0.78
N LEU A 103 -6.62 4.57 0.36
CA LEU A 103 -6.94 3.45 1.24
C LEU A 103 -6.18 2.22 0.79
N THR A 104 -5.94 1.31 1.72
CA THR A 104 -5.42 -0.01 1.36
C THR A 104 -6.46 -0.76 0.57
N GLU A 105 -6.04 -1.84 -0.06
CA GLU A 105 -6.93 -2.69 -0.83
C GLU A 105 -7.91 -3.42 0.06
N GLU A 106 -7.52 -3.65 1.30
CA GLU A 106 -8.41 -4.30 2.24
C GLU A 106 -9.47 -3.34 2.77
N GLU A 107 -9.07 -2.09 3.00
CA GLU A 107 -10.02 -1.06 3.38
C GLU A 107 -10.98 -0.83 2.21
N THR A 108 -10.43 -0.65 1.02
CA THR A 108 -11.22 -0.46 -0.18
C THR A 108 -12.21 -1.61 -0.36
N GLN A 109 -11.74 -2.84 -0.22
CA GLN A 109 -12.58 -4.02 -0.39
C GLN A 109 -13.83 -3.90 0.47
N PHE A 110 -13.62 -3.53 1.72
CA PHE A 110 -14.69 -3.38 2.67
C PHE A 110 -15.72 -2.31 2.23
N TYR A 111 -15.27 -1.08 2.01
CA TYR A 111 -16.19 0.01 1.65
C TYR A 111 -16.90 -0.23 0.34
N ILE A 112 -16.20 -0.78 -0.65
CA ILE A 112 -16.82 -1.03 -1.95
C ILE A 112 -17.89 -2.10 -1.77
N ALA A 113 -17.56 -3.16 -1.06
CA ALA A 113 -18.49 -4.25 -0.84
C ALA A 113 -19.76 -3.75 -0.12
N GLU A 114 -19.61 -3.00 0.96
CA GLU A 114 -20.77 -2.43 1.62
C GLU A 114 -21.55 -1.50 0.69
N THR A 115 -20.85 -0.76 -0.16
CA THR A 115 -21.53 0.16 -1.08
C THR A 115 -22.25 -0.63 -2.20
N VAL A 116 -21.67 -1.74 -2.64
CA VAL A 116 -22.38 -2.62 -3.58
C VAL A 116 -23.74 -3.02 -2.98
N LEU A 117 -23.73 -3.45 -1.72
CA LEU A 117 -24.95 -3.83 -1.02
C LEU A 117 -25.94 -2.65 -0.86
N ALA A 118 -25.40 -1.46 -0.62
CA ALA A 118 -26.22 -0.27 -0.44
C ALA A 118 -26.91 0.10 -1.73
N ILE A 119 -26.14 0.18 -2.80
CA ILE A 119 -26.66 0.50 -4.12
C ILE A 119 -27.67 -0.55 -4.59
N ASP A 120 -27.38 -1.83 -4.33
CA ASP A 120 -28.30 -2.86 -4.78
C ASP A 120 -29.62 -2.76 -4.04
N SER A 121 -29.57 -2.44 -2.76
CA SER A 121 -30.80 -2.37 -2.00
C SER A 121 -31.71 -1.22 -2.50
N ILE A 122 -31.15 -0.08 -2.90
CA ILE A 122 -32.04 0.97 -3.39
C ILE A 122 -32.54 0.61 -4.78
N HIS A 123 -31.71 -0.03 -5.59
CA HIS A 123 -32.13 -0.50 -6.91
C HIS A 123 -33.27 -1.50 -6.78
N GLN A 124 -33.21 -2.36 -5.75
CA GLN A 124 -34.28 -3.33 -5.57
C GLN A 124 -35.58 -2.65 -5.21
N LEU A 125 -35.51 -1.45 -4.66
CA LEU A 125 -36.72 -0.73 -4.28
C LEU A 125 -37.13 0.27 -5.33
N GLY A 126 -36.45 0.25 -6.48
CA GLY A 126 -36.87 1.02 -7.62
C GLY A 126 -36.19 2.37 -7.81
N PHE A 127 -35.13 2.64 -7.04
CA PHE A 127 -34.43 3.93 -7.10
C PHE A 127 -33.10 3.85 -7.83
N ILE A 128 -32.84 4.84 -8.69
CA ILE A 128 -31.53 5.01 -9.29
C ILE A 128 -30.89 6.22 -8.63
N HIS A 129 -29.76 6.00 -7.96
CA HIS A 129 -28.99 7.05 -7.30
C HIS A 129 -28.14 7.73 -8.31
N ARG A 130 -28.52 8.83 -8.90
CA ARG A 130 -27.68 9.13 -10.06
C ARG A 130 -26.46 10.02 -9.70
N ASP A 131 -26.00 9.95 -8.45
CA ASP A 131 -24.97 10.89 -7.97
C ASP A 131 -24.06 10.22 -6.91
N ILE A 132 -23.71 8.96 -7.18
CA ILE A 132 -22.81 8.23 -6.29
C ILE A 132 -21.41 8.84 -6.33
N LYS A 133 -20.91 9.27 -5.18
CA LYS A 133 -19.56 9.84 -5.08
C LYS A 133 -19.24 9.89 -3.59
N PRO A 134 -17.95 10.04 -3.23
CA PRO A 134 -17.59 9.88 -1.81
C PRO A 134 -18.30 10.82 -0.82
N ASP A 135 -18.62 12.06 -1.22
CA ASP A 135 -19.27 12.97 -0.28
C ASP A 135 -20.72 12.54 0.01
N ASN A 136 -21.23 11.58 -0.75
CA ASN A 136 -22.61 11.08 -0.59
C ASN A 136 -22.63 9.69 0.08
N LEU A 137 -21.47 9.27 0.57
CA LEU A 137 -21.34 8.05 1.36
C LEU A 137 -21.02 8.45 2.80
N LEU A 138 -21.86 8.04 3.73
CA LEU A 138 -21.69 8.36 5.15
C LEU A 138 -21.16 7.17 5.93
N LEU A 139 -20.57 7.43 7.09
CA LEU A 139 -20.16 6.34 7.99
C LEU A 139 -20.85 6.46 9.34
N ASP A 140 -21.42 5.35 9.83
CA ASP A 140 -22.14 5.43 11.10
C ASP A 140 -21.17 5.29 12.26
N SER A 141 -21.68 5.16 13.48
CA SER A 141 -20.80 5.23 14.65
C SER A 141 -19.91 4.00 14.78
N LYS A 142 -20.20 2.96 14.02
CA LYS A 142 -19.37 1.76 14.02
C LYS A 142 -18.55 1.66 12.73
N GLY A 143 -18.56 2.72 11.93
CA GLY A 143 -17.74 2.75 10.73
C GLY A 143 -18.32 2.09 9.49
N HIS A 144 -19.61 1.74 9.55
CA HIS A 144 -20.26 1.11 8.39
C HIS A 144 -20.97 2.12 7.51
N VAL A 145 -21.11 1.78 6.23
CA VAL A 145 -21.60 2.69 5.21
C VAL A 145 -23.12 2.87 5.24
N LYS A 146 -23.57 4.11 5.03
CA LYS A 146 -24.96 4.38 4.66
C LYS A 146 -25.00 5.46 3.60
N LEU A 147 -25.94 5.35 2.66
CA LEU A 147 -26.17 6.42 1.71
C LEU A 147 -26.85 7.59 2.40
N SER A 148 -26.32 8.80 2.24
CA SER A 148 -27.02 9.99 2.69
C SER A 148 -28.31 10.19 1.90
N ASP A 149 -29.21 11.05 2.39
CA ASP A 149 -30.48 11.34 1.71
C ASP A 149 -30.21 11.85 0.30
N PHE A 150 -30.92 11.29 -0.67
CA PHE A 150 -30.68 11.61 -2.08
C PHE A 150 -32.03 11.72 -2.82
N GLY A 151 -32.00 12.36 -3.97
CA GLY A 151 -33.14 12.38 -4.87
C GLY A 151 -33.57 13.77 -5.29
N LEU A 152 -33.52 14.71 -4.34
CA LEU A 152 -34.00 16.06 -4.60
C LEU A 152 -33.04 16.87 -5.45
N CYS A 153 -31.74 16.64 -5.25
CA CYS A 153 -30.68 17.45 -5.86
C CYS A 153 -30.00 16.77 -7.04
N THR A 154 -30.53 15.63 -7.47
CA THR A 154 -29.93 14.88 -8.57
C THR A 154 -29.96 15.67 -9.89
N GLY A 155 -28.79 15.86 -10.48
CA GLY A 155 -28.70 16.53 -11.77
C GLY A 155 -28.83 18.04 -11.72
N LEU A 156 -28.86 18.62 -10.53
CA LEU A 156 -28.99 20.07 -10.42
C LEU A 156 -27.69 20.80 -10.67
N LYS A 157 -26.55 20.19 -10.31
CA LYS A 157 -25.26 20.84 -10.60
C LYS A 157 -25.15 21.01 -12.12
N LYS A 158 -24.73 22.20 -12.56
CA LYS A 158 -24.78 22.56 -13.98
C LYS A 158 -24.02 21.57 -14.84
N ALA A 159 -22.84 21.15 -14.38
CA ALA A 159 -21.98 20.24 -15.15
C ALA A 159 -22.45 18.79 -15.13
N HIS A 160 -23.53 18.50 -14.41
CA HIS A 160 -24.10 17.17 -14.40
C HIS A 160 -25.18 17.01 -15.47
N ARG A 161 -25.36 18.04 -16.28
CA ARG A 161 -26.42 18.04 -17.30
C ARG A 161 -25.83 18.03 -18.69
N THR A 162 -26.43 17.24 -19.58
CA THR A 162 -26.03 17.16 -20.98
C THR A 162 -25.89 18.54 -21.65
N GLU A 163 -26.88 19.40 -21.41
CA GLU A 163 -26.95 20.75 -21.97
C GLU A 163 -25.65 21.53 -21.78
N PHE A 164 -24.93 21.20 -20.71
CA PHE A 164 -23.74 21.94 -20.33
C PHE A 164 -22.65 21.76 -21.40
N TYR A 165 -22.71 20.65 -22.14
CA TYR A 165 -21.64 20.29 -23.08
C TYR A 165 -22.08 20.40 -24.53
N ARG A 166 -23.20 21.08 -24.75
CA ARG A 166 -23.88 21.18 -26.05
C ARG A 166 -22.99 21.28 -27.31
N ASN A 167 -22.16 22.31 -27.37
CA ASN A 167 -21.35 22.53 -28.56
C ASN A 167 -19.90 22.08 -28.36
N LEU A 168 -19.70 21.19 -27.39
CA LEU A 168 -18.39 20.63 -27.13
C LEU A 168 -18.28 19.25 -27.79
N ASN A 169 -17.31 19.07 -28.68
CA ASN A 169 -17.14 17.76 -29.32
C ASN A 169 -16.50 16.72 -28.38
N HIS A 170 -16.67 15.44 -28.72
CA HIS A 170 -16.13 14.32 -27.92
C HIS A 170 -14.68 13.98 -28.24
N SER A 171 -13.97 14.86 -28.95
CA SER A 171 -12.58 14.57 -29.28
C SER A 171 -11.76 14.50 -27.99
N LEU A 172 -10.59 13.88 -28.08
CA LEU A 172 -9.71 13.74 -26.93
C LEU A 172 -9.37 15.10 -26.33
N PRO A 173 -9.07 15.14 -25.03
CA PRO A 173 -8.73 16.38 -24.29
C PRO A 173 -7.52 17.12 -24.86
N SER A 174 -6.95 18.05 -24.09
CA SER A 174 -5.82 18.85 -24.57
C SER A 174 -4.91 19.33 -23.45
N ASP A 175 -5.25 18.96 -22.22
CA ASP A 175 -4.47 19.40 -21.06
C ASP A 175 -3.22 18.51 -20.89
N PHE A 176 -2.33 18.55 -21.88
CA PHE A 176 -1.16 17.69 -21.91
C PHE A 176 -0.23 17.87 -20.71
N THR A 177 -0.14 19.11 -20.21
CA THR A 177 0.64 19.39 -19.01
C THR A 177 0.10 18.58 -17.84
N PHE A 178 -1.14 18.87 -17.46
CA PHE A 178 -1.86 18.14 -16.43
C PHE A 178 -1.72 16.61 -16.58
N GLN A 179 -1.90 16.13 -17.81
CA GLN A 179 -1.89 14.69 -18.06
C GLN A 179 -0.53 14.08 -17.72
N ASN A 180 0.54 14.82 -18.01
CA ASN A 180 1.89 14.29 -17.83
C ASN A 180 2.48 14.56 -16.44
N MET A 181 1.67 15.12 -15.54
CA MET A 181 2.05 15.24 -14.14
C MET A 181 2.12 13.85 -13.54
N ASN A 182 3.01 13.63 -12.57
CA ASN A 182 3.05 12.32 -11.95
C ASN A 182 1.77 12.17 -11.11
N SER A 183 1.51 10.96 -10.66
CA SER A 183 0.28 10.63 -9.95
C SER A 183 0.18 11.45 -8.66
N LYS A 184 1.31 11.57 -7.97
CA LYS A 184 1.38 12.27 -6.71
C LYS A 184 0.92 13.71 -6.85
N ARG A 185 1.31 14.35 -7.95
CA ARG A 185 0.92 15.74 -8.23
C ARG A 185 -0.56 15.86 -8.64
N LYS A 186 -1.07 14.92 -9.43
CA LYS A 186 -2.50 14.85 -9.73
C LYS A 186 -3.29 14.73 -8.43
N ALA A 187 -2.84 13.82 -7.55
CA ALA A 187 -3.52 13.61 -6.28
C ALA A 187 -3.55 14.90 -5.45
N GLU A 188 -2.43 15.62 -5.42
CA GLU A 188 -2.37 16.86 -4.65
C GLU A 188 -3.34 17.91 -5.19
N THR A 189 -3.39 18.09 -6.50
CA THR A 189 -4.31 19.05 -7.10
C THR A 189 -5.76 18.68 -6.81
N TRP A 190 -6.09 17.41 -7.01
CA TRP A 190 -7.43 16.91 -6.72
C TRP A 190 -7.84 17.23 -5.29
N LYS A 191 -6.97 16.92 -4.34
CA LYS A 191 -7.27 17.16 -2.92
C LYS A 191 -7.45 18.64 -2.61
N ARG A 192 -6.53 19.47 -3.11
CA ARG A 192 -6.54 20.91 -2.85
C ARG A 192 -7.85 21.55 -3.28
N ASN A 193 -8.44 21.03 -4.34
CA ASN A 193 -9.66 21.60 -4.87
C ASN A 193 -10.92 20.83 -4.52
N ARG A 194 -10.79 19.78 -3.70
CA ARG A 194 -11.90 18.85 -3.47
C ARG A 194 -13.13 19.44 -2.77
N ARG A 195 -12.93 20.18 -1.69
CA ARG A 195 -14.03 20.74 -0.92
C ARG A 195 -14.80 21.78 -1.74
N GLN A 196 -14.10 22.65 -2.42
CA GLN A 196 -14.75 23.62 -3.24
C GLN A 196 -15.57 22.92 -4.29
N LEU A 197 -15.07 21.83 -4.83
CA LEU A 197 -15.77 21.11 -5.87
C LEU A 197 -17.10 20.58 -5.33
N ALA A 198 -17.12 20.16 -4.07
CA ALA A 198 -18.30 19.57 -3.48
C ALA A 198 -19.38 20.63 -3.26
N PHE A 199 -18.95 21.86 -3.02
CA PHE A 199 -19.84 22.98 -2.71
C PHE A 199 -20.25 23.70 -3.98
N SER A 200 -19.56 23.41 -5.08
CA SER A 200 -19.83 24.10 -6.35
C SER A 200 -21.19 23.71 -6.93
N THR A 201 -21.88 24.69 -7.50
CA THR A 201 -23.18 24.45 -8.09
C THR A 201 -23.01 24.10 -9.57
N VAL A 202 -21.73 24.12 -9.97
CA VAL A 202 -21.34 23.71 -11.32
C VAL A 202 -20.81 22.27 -11.24
N GLY A 203 -19.74 22.06 -10.48
CA GLY A 203 -19.16 20.74 -10.34
C GLY A 203 -18.50 20.17 -11.59
N THR A 204 -18.42 18.85 -11.67
CA THR A 204 -17.78 18.12 -12.76
C THR A 204 -18.52 16.82 -13.02
N PRO A 205 -18.29 16.20 -14.19
CA PRO A 205 -18.79 14.84 -14.44
C PRO A 205 -17.80 13.71 -14.08
N ASP A 206 -16.89 13.96 -13.14
CA ASP A 206 -15.90 12.95 -12.78
C ASP A 206 -16.49 11.57 -12.48
N TYR A 207 -17.67 11.53 -11.88
CA TYR A 207 -18.24 10.27 -11.44
C TYR A 207 -19.41 9.80 -12.28
N ILE A 208 -19.70 10.49 -13.37
CA ILE A 208 -20.89 10.18 -14.16
C ILE A 208 -20.54 9.24 -15.29
N ALA A 209 -21.31 8.16 -15.43
CA ALA A 209 -21.17 7.22 -16.54
C ALA A 209 -21.42 7.90 -17.88
N PRO A 210 -20.65 7.53 -18.91
CA PRO A 210 -20.75 8.18 -20.23
C PRO A 210 -22.14 8.11 -20.87
N GLU A 211 -22.87 7.03 -20.69
CA GLU A 211 -24.15 6.91 -21.37
C GLU A 211 -25.17 7.93 -20.85
N VAL A 212 -24.93 8.48 -19.65
CA VAL A 212 -25.79 9.49 -19.05
C VAL A 212 -25.86 10.74 -19.94
N PHE A 213 -24.79 10.99 -20.69
CA PHE A 213 -24.77 12.15 -21.57
C PHE A 213 -25.09 11.76 -23.00
N MET A 214 -25.57 10.53 -23.20
CA MET A 214 -25.92 10.12 -24.56
C MET A 214 -27.42 10.19 -24.80
N GLN A 215 -27.78 10.45 -26.06
CA GLN A 215 -29.16 10.48 -26.50
C GLN A 215 -29.83 9.12 -26.30
N THR A 216 -29.01 8.08 -26.26
CA THR A 216 -29.48 6.72 -26.13
C THR A 216 -30.15 6.44 -24.78
N GLY A 217 -29.86 7.26 -23.79
CA GLY A 217 -30.41 7.10 -22.46
C GLY A 217 -29.56 6.22 -21.56
N TYR A 218 -30.04 5.98 -20.35
CA TYR A 218 -29.30 5.11 -19.43
C TYR A 218 -30.21 4.31 -18.51
N ASN A 219 -29.58 3.50 -17.67
CA ASN A 219 -30.33 2.68 -16.72
C ASN A 219 -29.60 2.65 -15.37
N LYS A 220 -30.07 1.79 -14.48
CA LYS A 220 -29.53 1.67 -13.12
C LYS A 220 -28.03 1.33 -13.06
N LEU A 221 -27.49 0.73 -14.13
CA LEU A 221 -26.06 0.36 -14.17
C LEU A 221 -25.10 1.57 -14.15
N CYS A 222 -25.62 2.77 -14.39
CA CYS A 222 -24.82 3.99 -14.26
C CYS A 222 -24.21 4.10 -12.85
N ASP A 223 -24.96 3.69 -11.83
CA ASP A 223 -24.42 3.66 -10.48
C ASP A 223 -23.17 2.78 -10.30
N TRP A 224 -23.06 1.71 -11.07
CA TRP A 224 -21.94 0.82 -10.90
C TRP A 224 -20.72 1.45 -11.53
N TRP A 225 -20.91 2.22 -12.59
CA TRP A 225 -19.81 2.98 -13.19
C TRP A 225 -19.27 3.93 -12.13
N SER A 226 -20.17 4.67 -11.47
CA SER A 226 -19.75 5.60 -10.42
C SER A 226 -18.93 4.93 -9.31
N LEU A 227 -19.36 3.73 -8.90
CA LEU A 227 -18.68 2.99 -7.85
C LEU A 227 -17.25 2.63 -8.26
N GLY A 228 -17.08 2.25 -9.53
CA GLY A 228 -15.77 1.98 -10.10
C GLY A 228 -14.85 3.17 -10.06
N VAL A 229 -15.37 4.34 -10.38
CA VAL A 229 -14.65 5.61 -10.28
C VAL A 229 -14.23 5.86 -8.83
N ILE A 230 -15.13 5.62 -7.88
CA ILE A 230 -14.80 5.75 -6.47
C ILE A 230 -13.70 4.77 -6.05
N MET A 231 -13.79 3.53 -6.55
CA MET A 231 -12.79 2.51 -6.22
C MET A 231 -11.40 2.92 -6.69
N TYR A 232 -11.31 3.42 -7.91
CA TYR A 232 -10.07 3.95 -8.47
C TYR A 232 -9.54 5.09 -7.60
N GLU A 233 -10.42 6.04 -7.24
CA GLU A 233 -10.01 7.16 -6.42
C GLU A 233 -9.50 6.72 -5.02
N MET A 234 -10.15 5.72 -4.43
CA MET A 234 -9.72 5.19 -3.13
C MET A 234 -8.29 4.62 -3.17
N LEU A 235 -7.93 3.98 -4.28
CA LEU A 235 -6.64 3.30 -4.37
C LEU A 235 -5.53 4.21 -4.92
N ILE A 236 -5.90 5.08 -5.87
CA ILE A 236 -4.96 5.90 -6.62
C ILE A 236 -4.82 7.31 -6.04
N GLY A 237 -5.92 7.89 -5.57
CA GLY A 237 -5.88 9.21 -4.97
C GLY A 237 -6.70 10.29 -5.65
N TYR A 238 -7.27 9.97 -6.81
CA TYR A 238 -8.07 10.89 -7.61
C TYR A 238 -8.85 10.02 -8.58
N PRO A 239 -10.05 10.46 -9.00
CA PRO A 239 -10.81 9.70 -9.98
C PRO A 239 -10.13 9.74 -11.33
N PRO A 240 -10.34 8.71 -12.16
CA PRO A 240 -9.60 8.50 -13.42
C PRO A 240 -9.59 9.69 -14.36
N PHE A 241 -10.67 10.47 -14.39
CA PHE A 241 -10.83 11.43 -15.47
C PHE A 241 -10.71 12.90 -15.06
N CYS A 242 -10.20 13.15 -13.87
CA CYS A 242 -10.22 14.49 -13.34
C CYS A 242 -9.32 15.42 -14.16
N SER A 243 -9.67 16.71 -14.17
CA SER A 243 -8.95 17.72 -14.96
C SER A 243 -9.01 19.04 -14.24
N GLU A 244 -8.56 20.09 -14.91
CA GLU A 244 -8.68 21.42 -14.35
C GLU A 244 -10.07 22.02 -14.62
N THR A 245 -10.76 21.52 -15.65
CA THR A 245 -12.09 22.03 -16.04
C THR A 245 -13.08 20.87 -16.28
N PRO A 246 -14.38 21.15 -16.11
CA PRO A 246 -15.37 20.08 -16.36
C PRO A 246 -15.42 19.71 -17.83
N GLN A 247 -15.10 20.65 -18.72
CA GLN A 247 -15.05 20.33 -20.15
C GLN A 247 -14.03 19.23 -20.52
N GLU A 248 -12.81 19.33 -19.97
CA GLU A 248 -11.77 18.32 -20.22
C GLU A 248 -12.14 16.98 -19.60
N THR A 249 -12.55 17.03 -18.35
CA THR A 249 -13.04 15.85 -17.65
C THR A 249 -14.11 15.12 -18.47
N TYR A 250 -15.09 15.86 -18.97
CA TYR A 250 -16.10 15.31 -19.89
C TYR A 250 -15.49 14.61 -21.12
N LYS A 251 -14.49 15.26 -21.73
CA LYS A 251 -13.82 14.68 -22.87
C LYS A 251 -13.07 13.40 -22.45
N LYS A 252 -12.51 13.42 -21.26
CA LYS A 252 -11.80 12.24 -20.76
C LYS A 252 -12.79 11.10 -20.47
N VAL A 253 -13.95 11.43 -19.92
CA VAL A 253 -14.98 10.42 -19.65
C VAL A 253 -15.46 9.78 -20.96
N MET A 254 -15.75 10.61 -21.96
CA MET A 254 -16.28 10.08 -23.21
C MET A 254 -15.26 9.23 -23.95
N ASN A 255 -13.99 9.40 -23.62
CA ASN A 255 -12.93 8.62 -24.28
C ASN A 255 -12.26 7.63 -23.34
N TRP A 256 -13.07 7.01 -22.49
CA TRP A 256 -12.55 6.21 -21.38
C TRP A 256 -11.69 5.02 -21.84
N LYS A 257 -11.90 4.56 -23.07
CA LYS A 257 -11.10 3.46 -23.61
C LYS A 257 -9.65 3.87 -23.75
N GLU A 258 -9.40 5.14 -24.00
CA GLU A 258 -8.03 5.63 -24.09
C GLU A 258 -7.55 6.27 -22.80
N THR A 259 -8.46 6.87 -22.03
CA THR A 259 -8.04 7.72 -20.91
C THR A 259 -8.05 7.02 -19.56
N LEU A 260 -8.77 5.92 -19.46
CA LEU A 260 -8.78 5.18 -18.21
C LEU A 260 -7.53 4.29 -18.12
N THR A 261 -6.51 4.77 -17.40
CA THR A 261 -5.24 4.05 -17.29
C THR A 261 -4.77 4.09 -15.84
N PHE A 262 -3.87 3.17 -15.51
CA PHE A 262 -3.27 3.12 -14.19
C PHE A 262 -1.83 3.64 -14.25
N PRO A 263 -1.53 4.64 -13.42
CA PRO A 263 -0.17 5.21 -13.42
C PRO A 263 0.86 4.14 -13.02
N PRO A 264 1.94 4.01 -13.81
CA PRO A 264 2.99 3.00 -13.71
C PRO A 264 3.62 2.91 -12.32
N GLU A 265 3.69 4.04 -11.62
CA GLU A 265 4.38 4.10 -10.33
C GLU A 265 3.47 3.81 -9.13
N VAL A 266 2.17 3.64 -9.37
CA VAL A 266 1.26 3.44 -8.25
C VAL A 266 0.96 1.96 -8.04
N PRO A 267 1.12 1.48 -6.78
CA PRO A 267 0.82 0.08 -6.49
C PRO A 267 -0.66 -0.21 -6.42
N ILE A 268 -1.13 -1.14 -7.25
CA ILE A 268 -2.52 -1.55 -7.24
C ILE A 268 -2.55 -3.00 -7.73
N SER A 269 -3.41 -3.82 -7.16
CA SER A 269 -3.40 -5.27 -7.46
C SER A 269 -3.97 -5.52 -8.84
N GLU A 270 -3.70 -6.70 -9.39
CA GLU A 270 -4.30 -7.10 -10.64
C GLU A 270 -5.82 -7.26 -10.49
N LYS A 271 -6.25 -7.81 -9.35
CA LYS A 271 -7.67 -7.95 -9.05
C LYS A 271 -8.41 -6.60 -9.04
N ALA A 272 -7.79 -5.60 -8.42
CA ALA A 272 -8.41 -4.28 -8.27
C ALA A 272 -8.51 -3.61 -9.62
N LYS A 273 -7.43 -3.69 -10.38
CA LYS A 273 -7.44 -3.18 -11.75
C LYS A 273 -8.52 -3.84 -12.60
N ASP A 274 -8.64 -5.16 -12.54
CA ASP A 274 -9.66 -5.90 -13.31
C ASP A 274 -11.08 -5.47 -12.95
N LEU A 275 -11.38 -5.39 -11.65
CA LEU A 275 -12.71 -4.97 -11.22
C LEU A 275 -13.02 -3.55 -11.68
N ILE A 276 -12.08 -2.62 -11.47
CA ILE A 276 -12.27 -1.24 -11.92
C ILE A 276 -12.61 -1.21 -13.42
N LEU A 277 -11.90 -2.00 -14.21
CA LEU A 277 -12.20 -2.09 -15.64
C LEU A 277 -13.54 -2.78 -15.97
N ARG A 278 -14.04 -3.63 -15.07
CA ARG A 278 -15.36 -4.25 -15.26
C ARG A 278 -16.49 -3.29 -14.87
N PHE A 279 -16.22 -2.42 -13.90
CA PHE A 279 -17.14 -1.35 -13.51
C PHE A 279 -17.19 -0.28 -14.60
N CYS A 280 -16.02 0.09 -15.10
CA CYS A 280 -15.95 1.25 -15.97
C CYS A 280 -15.78 0.89 -17.43
N CYS A 281 -16.74 0.14 -17.96
CA CYS A 281 -16.80 -0.10 -19.39
C CYS A 281 -18.21 0.22 -19.87
N GLU A 282 -18.49 -0.03 -21.15
CA GLU A 282 -19.78 0.32 -21.74
C GLU A 282 -20.88 -0.48 -21.02
N TRP A 283 -22.07 0.12 -20.89
CA TRP A 283 -23.06 -0.44 -19.97
C TRP A 283 -23.52 -1.83 -20.40
N GLU A 284 -23.54 -2.10 -21.70
CA GLU A 284 -23.97 -3.41 -22.20
C GLU A 284 -23.15 -4.58 -21.64
N HIS A 285 -21.88 -4.35 -21.35
CA HIS A 285 -21.06 -5.43 -20.80
C HIS A 285 -20.55 -5.13 -19.39
N ARG A 286 -21.09 -4.09 -18.78
CA ARG A 286 -20.65 -3.65 -17.46
C ARG A 286 -21.01 -4.71 -16.42
N ILE A 287 -20.12 -4.88 -15.46
CA ILE A 287 -20.35 -5.86 -14.42
C ILE A 287 -21.64 -5.51 -13.70
N GLY A 288 -22.46 -6.53 -13.46
CA GLY A 288 -23.76 -6.30 -12.85
C GLY A 288 -24.93 -6.31 -13.82
N ALA A 289 -24.66 -6.16 -15.11
CA ALA A 289 -25.74 -6.16 -16.10
C ALA A 289 -26.71 -7.36 -15.94
N PRO A 290 -26.20 -8.59 -15.79
CA PRO A 290 -27.17 -9.69 -15.62
C PRO A 290 -27.64 -9.88 -14.18
N GLY A 291 -27.21 -9.04 -13.26
CA GLY A 291 -27.59 -9.18 -11.87
C GLY A 291 -26.42 -8.92 -10.93
N VAL A 292 -26.74 -8.49 -9.72
CA VAL A 292 -25.75 -8.05 -8.75
C VAL A 292 -24.82 -9.18 -8.30
N GLU A 293 -25.25 -10.43 -8.50
CA GLU A 293 -24.44 -11.57 -8.10
C GLU A 293 -23.14 -11.63 -8.88
N GLU A 294 -23.14 -11.10 -10.10
CA GLU A 294 -21.94 -11.08 -10.91
C GLU A 294 -20.89 -10.16 -10.28
N ILE A 295 -21.35 -9.08 -9.65
CA ILE A 295 -20.43 -8.21 -8.94
C ILE A 295 -19.92 -8.93 -7.71
N LYS A 296 -20.83 -9.53 -6.95
CA LYS A 296 -20.49 -10.13 -5.67
C LYS A 296 -19.52 -11.30 -5.81
N SER A 297 -19.53 -11.99 -6.94
CA SER A 297 -18.65 -13.14 -7.12
C SER A 297 -17.32 -12.77 -7.77
N ASN A 298 -17.05 -11.47 -7.91
CA ASN A 298 -15.77 -11.05 -8.47
C ASN A 298 -14.63 -11.42 -7.54
N SER A 299 -13.57 -11.95 -8.15
CA SER A 299 -12.37 -12.35 -7.44
C SER A 299 -11.85 -11.29 -6.44
N PHE A 300 -12.01 -10.01 -6.75
CA PHE A 300 -11.58 -8.96 -5.82
C PHE A 300 -12.29 -9.01 -4.45
N PHE A 301 -13.50 -9.56 -4.42
CA PHE A 301 -14.25 -9.67 -3.16
C PHE A 301 -14.00 -11.01 -2.42
N GLU A 302 -12.89 -11.65 -2.74
CA GLU A 302 -12.54 -12.97 -2.22
C GLU A 302 -12.86 -13.23 -0.74
N GLY A 303 -12.41 -12.39 0.16
CA GLY A 303 -12.68 -12.70 1.57
C GLY A 303 -14.04 -12.28 2.10
N VAL A 304 -14.85 -11.64 1.26
CA VAL A 304 -16.07 -11.00 1.74
C VAL A 304 -17.16 -12.02 2.02
N ASP A 305 -17.78 -11.91 3.19
CA ASP A 305 -18.86 -12.78 3.56
C ASP A 305 -20.13 -12.49 2.74
N TRP A 306 -20.63 -11.27 2.92
CA TRP A 306 -21.77 -10.66 2.18
C TRP A 306 -23.12 -11.00 2.80
N GLU A 307 -23.10 -11.51 4.02
CA GLU A 307 -24.35 -11.82 4.73
C GLU A 307 -24.06 -11.15 6.06
N HIS A 308 -22.79 -11.12 6.45
CA HIS A 308 -22.47 -10.69 7.80
C HIS A 308 -21.57 -9.46 7.87
N ILE A 309 -21.12 -8.95 6.73
CA ILE A 309 -20.17 -7.84 6.70
C ILE A 309 -20.64 -6.65 7.55
N ARG A 310 -21.92 -6.31 7.52
CA ARG A 310 -22.37 -5.13 8.26
C ARG A 310 -22.50 -5.42 9.76
N GLU A 311 -22.39 -6.69 10.12
CA GLU A 311 -22.57 -7.12 11.51
C GLU A 311 -21.26 -7.49 12.18
N ARG A 312 -20.16 -7.23 11.47
CA ARG A 312 -18.80 -7.50 11.95
C ARG A 312 -18.00 -6.19 11.97
N PRO A 313 -16.84 -6.18 12.65
CA PRO A 313 -16.04 -4.95 12.71
C PRO A 313 -15.77 -4.32 11.34
N ALA A 314 -15.86 -2.99 11.28
CA ALA A 314 -15.62 -2.26 10.03
C ALA A 314 -14.13 -2.12 9.78
N ALA A 315 -13.76 -1.75 8.56
CA ALA A 315 -12.34 -1.62 8.21
C ALA A 315 -11.65 -0.57 9.05
N ILE A 316 -12.33 0.54 9.34
CA ILE A 316 -11.68 1.60 10.10
C ILE A 316 -12.54 2.01 11.28
N SER A 317 -11.94 1.97 12.45
CA SER A 317 -12.57 2.39 13.69
C SER A 317 -12.80 3.88 13.68
N ILE A 318 -14.04 4.26 13.91
CA ILE A 318 -14.43 5.65 14.09
C ILE A 318 -14.06 6.07 15.50
N GLU A 319 -13.24 7.10 15.62
CA GLU A 319 -12.82 7.56 16.93
C GLU A 319 -13.64 8.76 17.36
N ILE A 320 -14.66 8.53 18.20
CA ILE A 320 -15.44 9.64 18.73
C ILE A 320 -15.62 9.47 20.23
N LYS A 321 -15.86 10.57 20.93
CA LYS A 321 -15.85 10.57 22.39
C LYS A 321 -17.14 11.10 22.99
N SER A 322 -18.11 11.42 22.14
CA SER A 322 -19.43 11.83 22.62
C SER A 322 -20.42 11.60 21.49
N ILE A 323 -21.71 11.54 21.80
CA ILE A 323 -22.69 11.25 20.75
C ILE A 323 -22.83 12.47 19.84
N ASP A 324 -22.40 13.63 20.29
CA ASP A 324 -22.45 14.84 19.46
C ASP A 324 -21.06 15.25 19.00
N ASP A 325 -20.16 14.28 18.96
CA ASP A 325 -18.81 14.50 18.47
C ASP A 325 -18.83 14.84 16.98
N THR A 326 -18.41 16.06 16.64
CA THR A 326 -18.30 16.48 15.24
C THR A 326 -16.86 16.54 14.73
N SER A 327 -15.95 15.80 15.37
CA SER A 327 -14.55 15.88 14.96
C SER A 327 -14.27 15.20 13.61
N ASN A 328 -15.23 14.43 13.08
CA ASN A 328 -15.01 13.80 11.79
C ASN A 328 -15.60 14.63 10.65
N PHE A 329 -16.01 15.86 10.96
CA PHE A 329 -16.47 16.78 9.94
C PHE A 329 -15.57 18.02 9.92
N ASP A 330 -15.49 18.66 8.76
CA ASP A 330 -14.74 19.91 8.66
C ASP A 330 -15.46 21.00 9.43
N GLU A 331 -14.76 22.10 9.70
CA GLU A 331 -15.37 23.29 10.27
C GLU A 331 -15.99 24.11 9.15
N PHE A 332 -17.05 24.86 9.45
CA PHE A 332 -17.74 25.65 8.44
C PHE A 332 -18.04 27.07 8.93
N PRO A 333 -17.55 28.07 8.17
CA PRO A 333 -17.70 29.48 8.56
C PRO A 333 -18.53 30.27 7.54
N ARG B 2 48.39 -6.66 22.61
CA ARG B 2 47.24 -6.31 21.76
C ARG B 2 45.93 -6.54 22.49
N LEU B 3 44.88 -5.92 21.97
CA LEU B 3 43.55 -6.03 22.56
C LEU B 3 43.04 -7.46 22.46
N GLY B 4 42.33 -7.88 23.49
CA GLY B 4 41.74 -9.20 23.51
C GLY B 4 40.42 -9.19 24.26
N LEU B 5 39.88 -10.38 24.49
CA LEU B 5 38.55 -10.52 25.10
C LEU B 5 38.49 -9.85 26.49
N GLU B 6 39.62 -9.82 27.19
CA GLU B 6 39.65 -9.26 28.54
C GLU B 6 39.42 -7.76 28.56
N ASP B 7 39.61 -7.11 27.41
CA ASP B 7 39.49 -5.65 27.33
C ASP B 7 38.04 -5.17 27.17
N PHE B 8 37.13 -6.12 26.91
CA PHE B 8 35.71 -5.84 26.70
C PHE B 8 34.80 -6.60 27.66
N GLU B 9 33.74 -5.92 28.06
CA GLU B 9 32.71 -6.47 28.92
C GLU B 9 31.46 -6.74 28.07
N SER B 10 31.10 -8.01 27.93
CA SER B 10 29.88 -8.32 27.16
C SER B 10 28.70 -7.78 27.94
N LEU B 11 27.83 -7.05 27.24
CA LEU B 11 26.62 -6.49 27.85
C LEU B 11 25.36 -7.26 27.46
N LYS B 12 25.26 -7.65 26.20
CA LYS B 12 24.05 -8.33 25.74
C LYS B 12 24.27 -9.04 24.40
N VAL B 13 23.60 -10.17 24.19
CA VAL B 13 23.53 -10.77 22.87
C VAL B 13 22.48 -10.04 22.01
N ILE B 14 22.91 -9.49 20.88
CA ILE B 14 22.00 -8.77 19.99
C ILE B 14 21.79 -9.49 18.65
N GLY B 15 22.56 -10.53 18.38
CA GLY B 15 22.35 -11.32 17.16
C GLY B 15 22.97 -12.69 17.24
N ARG B 16 22.42 -13.65 16.52
CA ARG B 16 23.10 -14.93 16.33
C ARG B 16 22.98 -15.35 14.89
N GLY B 17 24.07 -15.80 14.30
CA GLY B 17 23.98 -16.46 13.03
C GLY B 17 24.14 -17.95 13.22
N ALA B 18 24.32 -18.60 12.10
CA ALA B 18 24.47 -20.01 12.03
C ALA B 18 25.80 -20.47 12.64
N PHE B 19 26.84 -19.62 12.59
CA PHE B 19 28.18 -20.07 13.01
C PHE B 19 28.80 -19.21 14.08
N GLY B 20 28.01 -18.32 14.66
CA GLY B 20 28.45 -17.52 15.78
C GLY B 20 27.36 -16.63 16.35
N GLU B 21 27.77 -15.53 16.98
CA GLU B 21 26.82 -14.61 17.54
C GLU B 21 27.41 -13.20 17.64
N VAL B 22 26.54 -12.21 17.80
CA VAL B 22 27.00 -10.84 17.91
C VAL B 22 26.57 -10.29 19.27
N ARG B 23 27.50 -9.65 19.97
CA ARG B 23 27.20 -9.06 21.28
C ARG B 23 27.42 -7.55 21.32
N LEU B 24 26.60 -6.86 22.11
CA LEU B 24 26.90 -5.50 22.51
C LEU B 24 27.95 -5.58 23.59
N VAL B 25 29.06 -4.90 23.43
CA VAL B 25 30.12 -4.97 24.41
C VAL B 25 30.57 -3.57 24.80
N GLN B 26 31.21 -3.47 25.95
CA GLN B 26 31.76 -2.23 26.42
C GLN B 26 33.27 -2.36 26.52
N LYS B 27 33.99 -1.50 25.81
CA LYS B 27 35.43 -1.36 26.02
C LYS B 27 35.66 -0.85 27.43
N LYS B 28 36.44 -1.59 28.21
CA LYS B 28 36.48 -1.34 29.65
C LYS B 28 37.15 -0.01 29.99
N ASP B 29 38.23 0.31 29.28
CA ASP B 29 39.03 1.47 29.65
C ASP B 29 38.42 2.78 29.14
N THR B 30 37.56 2.75 28.13
CA THR B 30 36.92 4.00 27.66
C THR B 30 35.42 4.10 27.97
N GLY B 31 34.72 2.97 28.07
CA GLY B 31 33.29 2.98 28.34
C GLY B 31 32.42 3.06 27.09
N HIS B 32 33.07 3.12 25.93
CA HIS B 32 32.34 3.10 24.67
C HIS B 32 31.82 1.71 24.34
N VAL B 33 30.69 1.66 23.61
CA VAL B 33 30.05 0.40 23.25
C VAL B 33 30.33 0.06 21.79
N TYR B 34 30.40 -1.23 21.50
CA TYR B 34 30.69 -1.75 20.17
C TYR B 34 29.86 -3.00 19.95
N ALA B 35 29.71 -3.41 18.71
CA ALA B 35 29.21 -4.75 18.42
C ALA B 35 30.41 -5.68 18.28
N MET B 36 30.34 -6.86 18.90
CA MET B 36 31.40 -7.85 18.74
C MET B 36 30.85 -9.09 18.05
N LYS B 37 31.36 -9.36 16.85
CA LYS B 37 31.00 -10.58 16.14
C LYS B 37 31.96 -11.71 16.52
N ILE B 38 31.38 -12.84 16.90
CA ILE B 38 32.12 -14.03 17.32
C ILE B 38 31.84 -15.14 16.34
N LEU B 39 32.89 -15.72 15.74
CA LEU B 39 32.72 -16.88 14.87
C LEU B 39 33.52 -18.05 15.41
N ARG B 40 32.89 -19.23 15.49
CA ARG B 40 33.56 -20.45 15.96
C ARG B 40 34.50 -20.97 14.89
N LYS B 41 35.79 -21.06 15.24
CA LYS B 41 36.81 -21.60 14.33
C LYS B 41 36.50 -22.97 13.77
N ALA B 42 35.91 -23.86 14.56
CA ALA B 42 35.59 -25.21 14.08
C ALA B 42 34.60 -25.21 12.91
N ASP B 43 33.84 -24.12 12.78
CA ASP B 43 32.85 -23.95 11.71
C ASP B 43 33.40 -23.25 10.47
N MET B 44 34.60 -22.67 10.59
CA MET B 44 35.18 -21.86 9.54
C MET B 44 35.86 -22.68 8.46
N LEU B 45 36.28 -22.00 7.40
CA LEU B 45 37.17 -22.62 6.41
C LEU B 45 38.51 -22.91 7.04
N GLU B 46 39.43 -23.52 6.32
CA GLU B 46 40.70 -23.79 6.94
C GLU B 46 41.44 -22.49 7.20
N LYS B 47 42.38 -22.53 8.13
CA LYS B 47 43.11 -21.34 8.56
C LYS B 47 43.72 -20.43 7.46
N GLU B 48 44.33 -20.99 6.43
CA GLU B 48 44.96 -20.15 5.41
C GLU B 48 43.95 -19.41 4.58
N GLN B 49 42.78 -20.01 4.38
CA GLN B 49 41.78 -19.30 3.63
C GLN B 49 41.21 -18.18 4.47
N VAL B 50 40.98 -18.47 5.74
CA VAL B 50 40.49 -17.46 6.67
C VAL B 50 41.47 -16.28 6.73
N GLY B 51 42.77 -16.58 6.80
CA GLY B 51 43.80 -15.55 6.85
C GLY B 51 43.81 -14.65 5.64
N HIS B 52 43.66 -15.24 4.45
CA HIS B 52 43.63 -14.46 3.22
C HIS B 52 42.35 -13.63 3.14
N ILE B 53 41.21 -14.20 3.53
CA ILE B 53 39.97 -13.42 3.54
C ILE B 53 40.07 -12.21 4.49
N ARG B 54 40.62 -12.43 5.69
CA ARG B 54 40.78 -11.33 6.65
C ARG B 54 41.75 -10.27 6.13
N ALA B 55 42.84 -10.71 5.53
CA ALA B 55 43.81 -9.78 4.95
C ALA B 55 43.16 -8.89 3.87
N GLU B 56 42.41 -9.49 2.95
CA GLU B 56 41.71 -8.72 1.91
C GLU B 56 40.61 -7.83 2.48
N ARG B 57 40.03 -8.22 3.61
CA ARG B 57 39.00 -7.42 4.27
C ARG B 57 39.60 -6.09 4.74
N ASP B 58 40.90 -6.10 5.01
CA ASP B 58 41.60 -4.89 5.44
C ASP B 58 41.67 -3.83 4.35
N ILE B 59 41.65 -4.28 3.11
CA ILE B 59 41.58 -3.35 1.99
C ILE B 59 40.24 -2.60 2.09
N LEU B 60 39.18 -3.33 2.43
CA LEU B 60 37.83 -2.76 2.53
C LEU B 60 37.76 -1.82 3.73
N VAL B 61 38.37 -2.22 4.82
CA VAL B 61 38.46 -1.39 6.01
C VAL B 61 39.17 -0.07 5.70
N GLU B 62 40.30 -0.17 5.02
CA GLU B 62 41.10 0.99 4.66
C GLU B 62 40.32 1.94 3.73
N ALA B 63 39.46 1.39 2.89
CA ALA B 63 38.73 2.20 1.92
C ALA B 63 37.63 3.01 2.62
N ASP B 64 37.25 2.56 3.80
CA ASP B 64 36.31 3.27 4.65
C ASP B 64 35.01 3.68 3.91
N SER B 65 34.37 2.73 3.25
CA SER B 65 33.11 3.04 2.56
C SER B 65 32.01 3.45 3.53
N LEU B 66 31.16 4.40 3.13
CA LEU B 66 30.01 4.79 3.93
C LEU B 66 29.06 3.62 4.10
N TRP B 67 29.13 2.68 3.17
CA TRP B 67 28.12 1.65 3.00
C TRP B 67 28.46 0.32 3.68
N VAL B 68 29.62 0.23 4.31
CA VAL B 68 30.00 -0.98 5.02
C VAL B 68 30.24 -0.62 6.48
N VAL B 69 29.77 -1.48 7.39
CA VAL B 69 29.93 -1.25 8.83
C VAL B 69 31.42 -1.02 9.15
N LYS B 70 31.68 -0.09 10.07
CA LYS B 70 33.04 0.29 10.42
C LYS B 70 33.63 -0.71 11.38
N MET B 71 34.83 -1.20 11.05
CA MET B 71 35.46 -2.27 11.80
C MET B 71 36.72 -1.74 12.45
N PHE B 72 36.83 -1.96 13.75
CA PHE B 72 37.93 -1.38 14.51
C PHE B 72 39.05 -2.35 14.85
N TYR B 73 38.69 -3.51 15.38
CA TYR B 73 39.71 -4.50 15.76
C TYR B 73 39.24 -5.90 15.49
N SER B 74 40.21 -6.79 15.31
CA SER B 74 39.93 -8.22 15.22
C SER B 74 41.00 -9.00 15.95
N PHE B 75 40.58 -9.96 16.76
CA PHE B 75 41.53 -10.87 17.43
C PHE B 75 40.94 -12.27 17.44
N GLN B 76 41.72 -13.24 17.92
CA GLN B 76 41.28 -14.62 17.99
C GLN B 76 41.83 -15.31 19.23
N ASP B 77 41.18 -16.39 19.65
CA ASP B 77 41.75 -17.32 20.63
C ASP B 77 41.63 -18.73 20.10
N LYS B 78 41.80 -19.72 20.96
CA LYS B 78 41.75 -21.13 20.55
C LYS B 78 40.43 -21.52 19.89
N LEU B 79 39.33 -20.99 20.44
CA LEU B 79 37.99 -21.32 19.98
C LEU B 79 37.45 -20.43 18.86
N ASN B 80 37.61 -19.11 19.01
CA ASN B 80 36.86 -18.16 18.19
C ASN B 80 37.70 -17.11 17.47
N LEU B 81 37.13 -16.60 16.37
CA LEU B 81 37.50 -15.33 15.77
C LEU B 81 36.62 -14.22 16.34
N TYR B 82 37.20 -13.05 16.59
CA TYR B 82 36.45 -11.91 17.10
C TYR B 82 36.58 -10.70 16.20
N LEU B 83 35.49 -9.97 15.98
CA LEU B 83 35.57 -8.71 15.25
C LEU B 83 34.87 -7.62 16.03
N ILE B 84 35.59 -6.53 16.31
CA ILE B 84 35.00 -5.40 17.01
C ILE B 84 34.63 -4.31 16.02
N MET B 85 33.35 -3.96 15.95
CA MET B 85 32.91 -2.97 14.98
C MET B 85 31.97 -1.97 15.63
N GLU B 86 31.59 -0.91 14.90
CA GLU B 86 30.60 0.03 15.43
C GLU B 86 29.26 -0.65 15.65
N PHE B 87 28.60 -0.31 16.74
CA PHE B 87 27.25 -0.81 17.02
C PHE B 87 26.24 0.00 16.22
N LEU B 88 25.51 -0.67 15.34
CA LEU B 88 24.48 -0.02 14.54
C LEU B 88 23.10 -0.34 15.12
N PRO B 89 22.51 0.62 15.84
CA PRO B 89 21.31 0.38 16.67
C PRO B 89 19.99 0.31 15.91
N GLY B 90 20.02 0.49 14.59
CA GLY B 90 18.80 0.43 13.79
C GLY B 90 18.30 -0.98 13.59
N GLY B 91 19.18 -1.96 13.79
CA GLY B 91 18.85 -3.36 13.56
C GLY B 91 19.09 -3.83 12.15
N ASP B 92 18.69 -5.06 11.85
CA ASP B 92 18.83 -5.60 10.49
C ASP B 92 17.49 -5.54 9.74
N MET B 93 17.57 -5.68 8.43
CA MET B 93 16.39 -5.57 7.59
C MET B 93 15.45 -6.75 7.75
N MET B 94 15.98 -7.91 8.15
CA MET B 94 15.14 -9.08 8.40
C MET B 94 14.19 -8.82 9.55
N THR B 95 14.75 -8.39 10.67
CA THR B 95 13.98 -8.00 11.83
C THR B 95 12.96 -6.88 11.49
N LEU B 96 13.37 -5.91 10.67
CA LEU B 96 12.47 -4.82 10.32
C LEU B 96 11.28 -5.34 9.53
N LEU B 97 11.54 -6.23 8.58
CA LEU B 97 10.47 -6.79 7.77
C LEU B 97 9.52 -7.66 8.59
N MET B 98 10.02 -8.23 9.69
CA MET B 98 9.15 -8.99 10.57
C MET B 98 8.22 -8.09 11.36
N LYS B 99 8.68 -6.89 11.68
CA LYS B 99 7.84 -5.97 12.44
C LYS B 99 6.81 -5.28 11.55
N LYS B 100 7.07 -5.20 10.25
CA LYS B 100 6.22 -4.41 9.38
C LYS B 100 5.43 -5.24 8.39
N ASP B 101 5.83 -6.50 8.22
CA ASP B 101 5.25 -7.42 7.24
C ASP B 101 5.62 -7.02 5.81
N THR B 102 5.19 -5.85 5.35
CA THR B 102 5.72 -5.30 4.09
C THR B 102 6.07 -3.83 4.19
N LEU B 103 6.80 -3.33 3.18
CA LEU B 103 7.12 -1.91 3.06
C LEU B 103 6.31 -1.27 1.95
N THR B 104 6.11 0.03 2.03
CA THR B 104 5.53 0.78 0.91
C THR B 104 6.52 0.79 -0.25
N GLU B 105 6.06 1.19 -1.42
CA GLU B 105 6.98 1.32 -2.53
C GLU B 105 7.92 2.49 -2.31
N GLU B 106 7.48 3.50 -1.58
CA GLU B 106 8.39 4.59 -1.23
C GLU B 106 9.52 4.12 -0.31
N GLU B 107 9.18 3.36 0.73
CA GLU B 107 10.23 2.84 1.63
C GLU B 107 11.13 1.87 0.88
N THR B 108 10.54 1.01 0.06
CA THR B 108 11.31 0.05 -0.72
C THR B 108 12.26 0.77 -1.66
N GLN B 109 11.77 1.80 -2.33
CA GLN B 109 12.59 2.57 -3.27
C GLN B 109 13.88 3.07 -2.60
N PHE B 110 13.73 3.58 -1.39
CA PHE B 110 14.86 4.05 -0.59
C PHE B 110 15.87 2.95 -0.18
N TYR B 111 15.42 1.83 0.36
CA TYR B 111 16.35 0.80 0.84
C TYR B 111 17.05 0.09 -0.31
N ILE B 112 16.32 -0.12 -1.40
CA ILE B 112 16.93 -0.71 -2.58
C ILE B 112 17.97 0.25 -3.17
N ALA B 113 17.60 1.52 -3.34
CA ALA B 113 18.54 2.52 -3.90
C ALA B 113 19.82 2.55 -3.10
N GLU B 114 19.69 2.68 -1.78
CA GLU B 114 20.84 2.60 -0.91
C GLU B 114 21.61 1.29 -1.00
N THR B 115 20.92 0.16 -1.13
CA THR B 115 21.62 -1.13 -1.23
C THR B 115 22.34 -1.26 -2.58
N VAL B 116 21.77 -0.69 -3.64
CA VAL B 116 22.44 -0.59 -4.94
C VAL B 116 23.78 0.12 -4.78
N LEU B 117 23.78 1.20 -4.00
CA LEU B 117 25.00 1.97 -3.79
C LEU B 117 26.00 1.18 -2.94
N ALA B 118 25.51 0.42 -1.97
CA ALA B 118 26.36 -0.36 -1.09
C ALA B 118 27.01 -1.49 -1.87
N ILE B 119 26.21 -2.22 -2.63
CA ILE B 119 26.72 -3.34 -3.40
C ILE B 119 27.72 -2.90 -4.49
N ASP B 120 27.44 -1.80 -5.16
CA ASP B 120 28.35 -1.33 -6.19
C ASP B 120 29.65 -0.82 -5.56
N SER B 121 29.52 -0.28 -4.37
CA SER B 121 30.66 0.16 -3.60
C SER B 121 31.65 -0.99 -3.34
N ILE B 122 31.15 -2.16 -2.93
CA ILE B 122 32.08 -3.26 -2.66
C ILE B 122 32.54 -3.93 -3.95
N HIS B 123 31.67 -3.97 -4.97
CA HIS B 123 32.07 -4.44 -6.29
C HIS B 123 33.25 -3.63 -6.84
N GLN B 124 33.21 -2.31 -6.63
CA GLN B 124 34.26 -1.40 -7.10
C GLN B 124 35.61 -1.72 -6.46
N LEU B 125 35.56 -2.32 -5.27
CA LEU B 125 36.76 -2.60 -4.51
C LEU B 125 37.16 -4.05 -4.68
N GLY B 126 36.49 -4.76 -5.58
CA GLY B 126 36.89 -6.11 -5.90
C GLY B 126 36.15 -7.25 -5.21
N PHE B 127 35.14 -6.93 -4.40
CA PHE B 127 34.44 -7.94 -3.61
C PHE B 127 33.09 -8.33 -4.16
N ILE B 128 32.85 -9.63 -4.24
CA ILE B 128 31.52 -10.12 -4.56
C ILE B 128 30.92 -10.58 -3.24
N HIS B 129 29.76 -10.02 -2.88
CA HIS B 129 29.05 -10.41 -1.67
C HIS B 129 28.22 -11.61 -2.01
N ARG B 130 28.50 -12.81 -1.59
CA ARG B 130 27.62 -13.75 -2.29
C ARG B 130 26.42 -14.20 -1.43
N ASP B 131 26.00 -13.35 -0.49
CA ASP B 131 25.01 -13.73 0.52
C ASP B 131 24.10 -12.54 0.85
N ILE B 132 23.75 -11.77 -0.17
CA ILE B 132 22.87 -10.63 0.01
C ILE B 132 21.46 -11.10 0.38
N LYS B 133 20.98 -10.66 1.54
CA LYS B 133 19.64 -10.99 2.03
C LYS B 133 19.34 -10.06 3.20
N PRO B 134 18.06 -9.98 3.66
CA PRO B 134 17.74 -8.95 4.65
C PRO B 134 18.50 -9.05 5.99
N ASP B 135 18.84 -10.24 6.46
CA ASP B 135 19.47 -10.30 7.78
C ASP B 135 20.90 -9.75 7.70
N ASN B 136 21.42 -9.63 6.48
CA ASN B 136 22.78 -9.10 6.29
C ASN B 136 22.81 -7.61 5.90
N LEU B 137 21.66 -6.95 5.90
CA LEU B 137 21.60 -5.49 5.76
C LEU B 137 21.32 -4.89 7.13
N LEU B 138 22.16 -3.94 7.55
CA LEU B 138 22.02 -3.27 8.84
C LEU B 138 21.53 -1.85 8.65
N LEU B 139 20.96 -1.28 9.71
CA LEU B 139 20.49 0.10 9.73
C LEU B 139 21.22 0.89 10.80
N ASP B 140 21.82 2.03 10.45
CA ASP B 140 22.52 2.81 11.45
C ASP B 140 21.53 3.68 12.26
N SER B 141 22.05 4.58 13.09
CA SER B 141 21.17 5.29 14.00
C SER B 141 20.26 6.29 13.28
N LYS B 142 20.54 6.58 12.02
CA LYS B 142 19.67 7.46 11.22
C LYS B 142 18.89 6.66 10.18
N GLY B 143 18.89 5.33 10.32
CA GLY B 143 18.06 4.51 9.46
C GLY B 143 18.61 4.27 8.06
N HIS B 144 19.89 4.59 7.87
CA HIS B 144 20.56 4.35 6.60
C HIS B 144 21.26 3.00 6.58
N VAL B 145 21.36 2.40 5.40
CA VAL B 145 21.84 1.03 5.20
C VAL B 145 23.35 0.92 5.35
N LYS B 146 23.82 -0.14 6.00
CA LYS B 146 25.21 -0.53 5.89
C LYS B 146 25.28 -2.04 5.76
N LEU B 147 26.24 -2.55 4.99
CA LEU B 147 26.44 -3.98 4.92
C LEU B 147 27.11 -4.49 6.19
N SER B 148 26.64 -5.60 6.75
CA SER B 148 27.31 -6.20 7.89
C SER B 148 28.61 -6.84 7.42
N ASP B 149 29.50 -7.17 8.35
CA ASP B 149 30.74 -7.88 8.01
C ASP B 149 30.42 -9.16 7.22
N PHE B 150 31.09 -9.34 6.10
CA PHE B 150 30.85 -10.48 5.22
C PHE B 150 32.16 -11.06 4.69
N GLY B 151 32.11 -12.30 4.24
CA GLY B 151 33.27 -12.91 3.60
C GLY B 151 33.70 -14.23 4.20
N LEU B 152 33.64 -14.34 5.51
CA LEU B 152 34.13 -15.54 6.18
C LEU B 152 33.16 -16.70 6.09
N CYS B 153 31.86 -16.40 6.02
CA CYS B 153 30.83 -17.44 6.13
C CYS B 153 30.15 -17.70 4.82
N THR B 154 30.55 -16.98 3.78
CA THR B 154 29.93 -17.12 2.47
C THR B 154 29.98 -18.58 2.03
N GLY B 155 28.82 -19.14 1.72
CA GLY B 155 28.76 -20.50 1.21
C GLY B 155 28.90 -21.60 2.25
N LEU B 156 28.97 -21.24 3.53
CA LEU B 156 29.07 -22.26 4.57
C LEU B 156 27.75 -23.00 4.85
N LYS B 157 26.59 -22.35 4.66
CA LYS B 157 25.33 -23.04 4.91
C LYS B 157 25.19 -24.14 3.87
N LYS B 158 24.76 -25.32 4.32
CA LYS B 158 24.78 -26.51 3.46
C LYS B 158 24.00 -26.32 2.17
N ALA B 159 22.84 -25.67 2.26
CA ALA B 159 21.97 -25.49 1.10
C ALA B 159 22.38 -24.32 0.20
N HIS B 160 23.46 -23.64 0.56
CA HIS B 160 24.05 -22.63 -0.32
C HIS B 160 25.11 -23.22 -1.24
N ARG B 161 25.28 -24.53 -1.20
CA ARG B 161 26.31 -25.20 -1.99
C ARG B 161 25.67 -26.08 -3.06
N THR B 162 26.23 -26.06 -4.26
CA THR B 162 25.82 -26.95 -5.35
C THR B 162 25.73 -28.43 -4.93
N GLU B 163 26.68 -28.88 -4.12
CA GLU B 163 26.77 -30.28 -3.68
C GLU B 163 25.44 -30.75 -3.09
N PHE B 164 24.72 -29.81 -2.49
CA PHE B 164 23.53 -30.13 -1.72
C PHE B 164 22.47 -30.71 -2.63
N TYR B 165 22.50 -30.33 -3.90
CA TYR B 165 21.44 -30.68 -4.83
C TYR B 165 21.87 -31.72 -5.85
N ARG B 166 22.95 -32.42 -5.53
CA ARG B 166 23.66 -33.29 -6.47
C ARG B 166 22.78 -34.18 -7.35
N ASN B 167 21.89 -34.97 -6.76
CA ASN B 167 21.07 -35.83 -7.60
C ASN B 167 19.62 -35.38 -7.65
N LEU B 168 19.42 -34.08 -7.53
CA LEU B 168 18.11 -33.49 -7.67
C LEU B 168 18.00 -32.83 -9.06
N ASN B 169 17.06 -33.30 -9.88
CA ASN B 169 16.89 -32.70 -11.22
C ASN B 169 16.22 -31.31 -11.14
N HIS B 170 16.24 -30.57 -12.26
CA HIS B 170 15.71 -29.20 -12.29
C HIS B 170 14.27 -29.15 -12.78
N SER B 171 13.51 -30.21 -12.58
CA SER B 171 12.11 -30.20 -12.99
C SER B 171 11.30 -29.40 -11.99
N LEU B 172 10.13 -28.94 -12.42
CA LEU B 172 9.23 -28.18 -11.56
C LEU B 172 8.89 -28.95 -10.27
N PRO B 173 8.70 -28.21 -9.16
CA PRO B 173 8.37 -28.77 -7.83
C PRO B 173 6.95 -29.33 -7.76
N SER B 174 6.62 -29.97 -6.65
CA SER B 174 5.34 -30.65 -6.51
C SER B 174 4.60 -30.21 -5.26
N ASP B 175 5.07 -29.14 -4.64
CA ASP B 175 4.45 -28.67 -3.40
C ASP B 175 3.14 -27.90 -3.63
N PHE B 176 2.21 -28.51 -4.37
CA PHE B 176 1.03 -27.80 -4.91
C PHE B 176 0.11 -27.12 -3.88
N THR B 177 -0.11 -27.77 -2.74
CA THR B 177 -0.87 -27.16 -1.66
C THR B 177 -0.25 -25.82 -1.25
N PHE B 178 1.08 -25.83 -1.04
CA PHE B 178 1.80 -24.61 -0.71
C PHE B 178 1.68 -23.54 -1.81
N GLN B 179 1.75 -23.94 -3.08
CA GLN B 179 1.68 -22.98 -4.17
C GLN B 179 0.30 -22.35 -4.25
N ASN B 180 -0.74 -23.12 -3.95
CA ASN B 180 -2.12 -22.62 -4.06
C ASN B 180 -2.54 -21.82 -2.83
N MET B 181 -1.62 -21.63 -1.89
CA MET B 181 -1.91 -20.86 -0.70
C MET B 181 -2.14 -19.38 -1.01
N ASN B 182 -2.99 -18.75 -0.20
CA ASN B 182 -3.11 -17.29 -0.17
C ASN B 182 -1.75 -16.65 -0.11
N SER B 183 -1.61 -15.46 -0.70
CA SER B 183 -0.37 -14.71 -0.58
C SER B 183 -0.14 -14.45 0.89
N LYS B 184 -1.21 -14.03 1.57
CA LYS B 184 -1.17 -13.71 2.99
C LYS B 184 -0.80 -14.93 3.81
N ARG B 185 -1.14 -16.12 3.31
CA ARG B 185 -0.83 -17.35 4.03
C ARG B 185 0.65 -17.74 3.86
N LYS B 186 1.19 -17.61 2.65
CA LYS B 186 2.62 -17.79 2.40
C LYS B 186 3.44 -16.82 3.25
N ALA B 187 3.01 -15.55 3.27
CA ALA B 187 3.66 -14.52 4.06
C ALA B 187 3.71 -14.95 5.52
N GLU B 188 2.60 -15.48 6.01
CA GLU B 188 2.53 -15.93 7.39
C GLU B 188 3.49 -17.08 7.67
N THR B 189 3.51 -18.06 6.77
CA THR B 189 4.40 -19.20 6.92
C THR B 189 5.86 -18.75 6.86
N TRP B 190 6.16 -17.85 5.92
CA TRP B 190 7.52 -17.34 5.76
C TRP B 190 8.01 -16.66 7.04
N LYS B 191 7.22 -15.75 7.58
CA LYS B 191 7.58 -15.05 8.81
C LYS B 191 7.68 -15.99 10.04
N ARG B 192 6.75 -16.93 10.18
CA ARG B 192 6.78 -17.87 11.32
C ARG B 192 8.09 -18.66 11.39
N ASN B 193 8.71 -18.91 10.25
CA ASN B 193 9.91 -19.71 10.21
C ASN B 193 11.17 -18.88 9.93
N ARG B 194 11.04 -17.55 9.88
CA ARG B 194 12.14 -16.73 9.38
C ARG B 194 13.37 -16.72 10.30
N ARG B 195 13.17 -16.62 11.60
CA ARG B 195 14.28 -16.50 12.51
C ARG B 195 15.08 -17.80 12.60
N GLN B 196 14.37 -18.92 12.64
CA GLN B 196 15.00 -20.23 12.57
C GLN B 196 15.78 -20.37 11.27
N LEU B 197 15.22 -19.91 10.16
CA LEU B 197 15.94 -19.99 8.89
C LEU B 197 17.29 -19.24 8.94
N ALA B 198 17.31 -18.06 9.57
CA ALA B 198 18.54 -17.29 9.71
C ALA B 198 19.57 -18.00 10.61
N PHE B 199 19.08 -18.73 11.60
CA PHE B 199 19.91 -19.46 12.54
C PHE B 199 20.43 -20.79 11.98
N SER B 200 19.79 -21.27 10.91
CA SER B 200 20.03 -22.60 10.38
C SER B 200 21.39 -22.73 9.68
N THR B 201 22.12 -23.80 10.00
CA THR B 201 23.39 -24.08 9.32
C THR B 201 23.11 -24.74 7.98
N VAL B 202 21.83 -25.04 7.71
CA VAL B 202 21.44 -25.60 6.43
C VAL B 202 20.93 -24.50 5.52
N GLY B 203 19.85 -23.84 5.92
CA GLY B 203 19.28 -22.73 5.16
C GLY B 203 18.56 -23.06 3.87
N THR B 204 18.47 -22.06 3.00
CA THR B 204 17.83 -22.21 1.69
C THR B 204 18.55 -21.39 0.64
N PRO B 205 18.33 -21.72 -0.64
CA PRO B 205 18.79 -20.89 -1.74
C PRO B 205 17.77 -19.81 -2.17
N ASP B 206 16.93 -19.34 -1.25
CA ASP B 206 15.92 -18.34 -1.60
C ASP B 206 16.50 -17.10 -2.29
N TYR B 207 17.69 -16.69 -1.90
CA TYR B 207 18.27 -15.43 -2.38
C TYR B 207 19.40 -15.61 -3.38
N ILE B 208 19.65 -16.85 -3.79
CA ILE B 208 20.81 -17.14 -4.63
C ILE B 208 20.42 -17.19 -6.11
N ALA B 209 21.21 -16.52 -6.95
CA ALA B 209 21.03 -16.52 -8.39
C ALA B 209 21.22 -17.92 -8.98
N PRO B 210 20.40 -18.29 -9.97
CA PRO B 210 20.45 -19.63 -10.57
C PRO B 210 21.83 -20.02 -11.12
N GLU B 211 22.55 -19.09 -11.76
CA GLU B 211 23.84 -19.44 -12.33
C GLU B 211 24.89 -19.83 -11.27
N VAL B 212 24.64 -19.52 -10.01
CA VAL B 212 25.56 -19.88 -8.93
C VAL B 212 25.63 -21.40 -8.77
N PHE B 213 24.55 -22.09 -9.12
CA PHE B 213 24.51 -23.54 -9.01
C PHE B 213 24.82 -24.20 -10.33
N MET B 214 25.21 -23.41 -11.32
CA MET B 214 25.54 -23.96 -12.63
C MET B 214 27.06 -24.09 -12.81
N GLN B 215 27.45 -25.01 -13.70
CA GLN B 215 28.85 -25.34 -13.93
C GLN B 215 29.60 -24.24 -14.68
N THR B 216 28.87 -23.48 -15.47
CA THR B 216 29.44 -22.41 -16.26
C THR B 216 29.86 -21.19 -15.41
N GLY B 217 29.66 -21.29 -14.10
CA GLY B 217 30.12 -20.28 -13.18
C GLY B 217 29.24 -19.06 -13.06
N TYR B 218 29.70 -18.07 -12.29
CA TYR B 218 28.97 -16.81 -12.16
C TYR B 218 29.92 -15.63 -12.04
N ASN B 219 29.34 -14.43 -11.93
CA ASN B 219 30.11 -13.22 -11.73
C ASN B 219 29.39 -12.32 -10.71
N LYS B 220 29.87 -11.09 -10.57
CA LYS B 220 29.35 -10.14 -9.59
C LYS B 220 27.86 -9.78 -9.78
N LEU B 221 27.30 -10.12 -10.94
CA LEU B 221 25.88 -9.81 -11.20
C LEU B 221 24.94 -10.69 -10.35
N CYS B 222 25.48 -11.74 -9.75
CA CYS B 222 24.73 -12.58 -8.81
C CYS B 222 24.16 -11.74 -7.65
N ASP B 223 24.89 -10.71 -7.23
CA ASP B 223 24.38 -9.83 -6.18
C ASP B 223 23.13 -9.02 -6.59
N TRP B 224 22.96 -8.79 -7.89
CA TRP B 224 21.83 -7.99 -8.31
C TRP B 224 20.60 -8.89 -8.32
N TRP B 225 20.81 -10.16 -8.62
CA TRP B 225 19.70 -11.10 -8.55
C TRP B 225 19.17 -11.11 -7.12
N SER B 226 20.07 -11.29 -6.16
CA SER B 226 19.67 -11.32 -4.76
C SER B 226 18.87 -10.10 -4.34
N LEU B 227 19.27 -8.92 -4.82
CA LEU B 227 18.61 -7.66 -4.45
C LEU B 227 17.19 -7.59 -4.99
N GLY B 228 16.98 -8.16 -6.16
CA GLY B 228 15.65 -8.26 -6.73
C GLY B 228 14.75 -9.14 -5.89
N VAL B 229 15.29 -10.25 -5.42
CA VAL B 229 14.58 -11.12 -4.51
C VAL B 229 14.17 -10.37 -3.25
N ILE B 230 15.09 -9.61 -2.67
CA ILE B 230 14.79 -8.77 -1.51
C ILE B 230 13.69 -7.76 -1.80
N MET B 231 13.79 -7.10 -2.95
CA MET B 231 12.79 -6.13 -3.37
C MET B 231 11.38 -6.76 -3.44
N TYR B 232 11.29 -7.91 -4.09
CA TYR B 232 10.06 -8.69 -4.12
C TYR B 232 9.60 -8.99 -2.70
N GLU B 233 10.51 -9.43 -1.84
CA GLU B 233 10.10 -9.76 -0.49
C GLU B 233 9.55 -8.55 0.27
N MET B 234 10.22 -7.42 0.13
CA MET B 234 9.82 -6.19 0.79
C MET B 234 8.40 -5.78 0.44
N LEU B 235 7.97 -6.05 -0.79
CA LEU B 235 6.69 -5.54 -1.29
C LEU B 235 5.59 -6.61 -1.18
N ILE B 236 5.96 -7.89 -1.27
CA ILE B 236 5.00 -8.98 -1.27
C ILE B 236 4.89 -9.67 0.10
N GLY B 237 6.01 -9.81 0.81
CA GLY B 237 5.99 -10.38 2.15
C GLY B 237 6.82 -11.64 2.33
N TYR B 238 7.38 -12.14 1.24
CA TYR B 238 8.17 -13.37 1.22
C TYR B 238 8.91 -13.36 -0.11
N PRO B 239 10.08 -14.02 -0.18
CA PRO B 239 10.80 -14.05 -1.46
C PRO B 239 10.07 -14.95 -2.46
N PRO B 240 10.26 -14.72 -3.75
CA PRO B 240 9.41 -15.37 -4.76
C PRO B 240 9.47 -16.91 -4.82
N PHE B 241 10.58 -17.51 -4.38
CA PHE B 241 10.71 -18.96 -4.56
C PHE B 241 10.62 -19.76 -3.25
N CYS B 242 10.13 -19.16 -2.17
CA CYS B 242 10.13 -19.86 -0.90
C CYS B 242 9.22 -21.10 -0.92
N SER B 243 9.55 -22.05 -0.06
CA SER B 243 8.91 -23.37 0.00
C SER B 243 9.01 -23.92 1.40
N GLU B 244 8.57 -25.14 1.60
CA GLU B 244 8.75 -25.76 2.88
C GLU B 244 10.14 -26.41 2.98
N THR B 245 10.78 -26.67 1.84
CA THR B 245 12.12 -27.29 1.84
C THR B 245 13.09 -26.60 0.88
N PRO B 246 14.40 -26.66 1.18
CA PRO B 246 15.38 -26.09 0.26
C PRO B 246 15.36 -26.80 -1.09
N GLN B 247 15.05 -28.09 -1.11
CA GLN B 247 14.91 -28.83 -2.36
C GLN B 247 13.87 -28.20 -3.33
N GLU B 248 12.66 -27.91 -2.85
CA GLU B 248 11.66 -27.34 -3.73
C GLU B 248 11.91 -25.87 -4.04
N THR B 249 12.49 -25.16 -3.09
CA THR B 249 12.92 -23.79 -3.35
C THR B 249 13.96 -23.75 -4.46
N TYR B 250 14.92 -24.67 -4.44
CA TYR B 250 15.92 -24.78 -5.51
C TYR B 250 15.29 -24.97 -6.88
N LYS B 251 14.30 -25.85 -6.96
CA LYS B 251 13.61 -26.18 -8.20
C LYS B 251 12.86 -24.96 -8.75
N LYS B 252 12.24 -24.22 -7.83
CA LYS B 252 11.56 -23.00 -8.19
C LYS B 252 12.54 -21.94 -8.72
N VAL B 253 13.67 -21.76 -8.03
CA VAL B 253 14.73 -20.85 -8.49
C VAL B 253 15.15 -21.17 -9.92
N MET B 254 15.38 -22.45 -10.18
CA MET B 254 15.95 -22.87 -11.46
C MET B 254 14.89 -22.81 -12.55
N ASN B 255 13.64 -22.62 -12.16
CA ASN B 255 12.56 -22.50 -13.13
C ASN B 255 11.92 -21.13 -13.05
N TRP B 256 12.73 -20.13 -12.77
CA TRP B 256 12.26 -18.79 -12.50
C TRP B 256 11.37 -18.20 -13.60
N LYS B 257 11.53 -18.66 -14.84
CA LYS B 257 10.74 -18.11 -15.93
C LYS B 257 9.29 -18.49 -15.76
N GLU B 258 9.05 -19.62 -15.09
CA GLU B 258 7.70 -20.08 -14.82
C GLU B 258 7.23 -19.75 -13.41
N THR B 259 8.16 -19.67 -12.46
CA THR B 259 7.77 -19.59 -11.05
C THR B 259 7.84 -18.19 -10.42
N LEU B 260 8.55 -17.27 -11.07
CA LEU B 260 8.58 -15.90 -10.59
C LEU B 260 7.30 -15.18 -11.04
N THR B 261 6.30 -15.10 -10.16
CA THR B 261 5.02 -14.47 -10.49
C THR B 261 4.61 -13.51 -9.38
N PHE B 262 3.69 -12.61 -9.72
CA PHE B 262 3.14 -11.66 -8.77
C PHE B 262 1.71 -12.08 -8.47
N PRO B 263 1.41 -12.32 -7.19
CA PRO B 263 0.06 -12.78 -6.83
C PRO B 263 -0.97 -11.70 -7.18
N PRO B 264 -2.10 -12.11 -7.80
CA PRO B 264 -3.11 -11.21 -8.37
C PRO B 264 -3.76 -10.29 -7.35
N GLU B 265 -3.78 -10.70 -6.09
CA GLU B 265 -4.47 -9.90 -5.10
C GLU B 265 -3.57 -8.92 -4.36
N VAL B 266 -2.26 -8.93 -4.66
CA VAL B 266 -1.33 -8.05 -3.96
C VAL B 266 -1.00 -6.80 -4.78
N PRO B 267 -1.12 -5.62 -4.14
CA PRO B 267 -0.83 -4.35 -4.80
C PRO B 267 0.67 -4.11 -4.99
N ILE B 268 1.07 -3.92 -6.25
CA ILE B 268 2.45 -3.64 -6.59
C ILE B 268 2.42 -2.86 -7.90
N SER B 269 3.25 -1.83 -8.01
CA SER B 269 3.23 -0.97 -9.20
C SER B 269 3.83 -1.68 -10.41
N GLU B 270 3.53 -1.15 -11.59
CA GLU B 270 4.10 -1.66 -12.83
C GLU B 270 5.63 -1.46 -12.87
N LYS B 271 6.08 -0.33 -12.34
CA LYS B 271 7.50 -0.04 -12.27
C LYS B 271 8.26 -1.04 -11.40
N ALA B 272 7.65 -1.42 -10.28
CA ALA B 272 8.29 -2.33 -9.32
C ALA B 272 8.39 -3.72 -9.92
N LYS B 273 7.31 -4.14 -10.57
CA LYS B 273 7.30 -5.45 -11.19
C LYS B 273 8.37 -5.51 -12.28
N ASP B 274 8.40 -4.50 -13.14
CA ASP B 274 9.38 -4.41 -14.20
C ASP B 274 10.81 -4.52 -13.66
N LEU B 275 11.11 -3.78 -12.60
CA LEU B 275 12.47 -3.75 -12.08
C LEU B 275 12.84 -5.13 -11.53
N ILE B 276 11.95 -5.70 -10.72
CA ILE B 276 12.14 -7.05 -10.20
C ILE B 276 12.42 -8.05 -11.33
N LEU B 277 11.70 -7.93 -12.43
CA LEU B 277 11.94 -8.79 -13.58
C LEU B 277 13.26 -8.47 -14.30
N ARG B 278 13.77 -7.25 -14.16
CA ARG B 278 15.08 -6.90 -14.71
C ARG B 278 16.20 -7.44 -13.81
N PHE B 279 16.00 -7.42 -12.49
CA PHE B 279 16.93 -8.01 -11.52
C PHE B 279 16.94 -9.53 -11.61
N CYS B 280 15.77 -10.14 -11.71
CA CYS B 280 15.74 -11.59 -11.64
C CYS B 280 15.50 -12.21 -13.00
N CYS B 281 16.47 -12.03 -13.90
CA CYS B 281 16.50 -12.74 -15.17
C CYS B 281 17.91 -13.30 -15.35
N GLU B 282 18.17 -14.01 -16.45
CA GLU B 282 19.47 -14.62 -16.69
C GLU B 282 20.56 -13.55 -16.77
N TRP B 283 21.76 -13.90 -16.28
CA TRP B 283 22.78 -12.93 -15.96
C TRP B 283 23.22 -12.13 -17.18
N GLU B 284 23.12 -12.74 -18.36
CA GLU B 284 23.59 -12.11 -19.60
C GLU B 284 22.76 -10.88 -19.94
N HIS B 285 21.51 -10.88 -19.52
CA HIS B 285 20.65 -9.75 -19.83
C HIS B 285 20.22 -9.01 -18.56
N ARG B 286 20.79 -9.41 -17.43
CA ARG B 286 20.45 -8.85 -16.15
C ARG B 286 20.80 -7.38 -16.04
N ILE B 287 19.90 -6.60 -15.42
CA ILE B 287 20.12 -5.18 -15.31
C ILE B 287 21.42 -4.97 -14.55
N GLY B 288 22.22 -4.03 -15.02
CA GLY B 288 23.52 -3.82 -14.42
C GLY B 288 24.69 -4.47 -15.15
N ALA B 289 24.40 -5.38 -16.07
CA ALA B 289 25.45 -6.02 -16.86
C ALA B 289 26.36 -4.98 -17.57
N PRO B 290 25.79 -3.97 -18.26
CA PRO B 290 26.73 -3.01 -18.84
C PRO B 290 27.26 -2.00 -17.82
N GLY B 291 26.83 -2.10 -16.58
CA GLY B 291 27.25 -1.13 -15.58
C GLY B 291 26.12 -0.69 -14.65
N VAL B 292 26.50 -0.18 -13.49
CA VAL B 292 25.55 0.14 -12.43
C VAL B 292 24.62 1.29 -12.84
N GLU B 293 25.05 2.06 -13.84
CA GLU B 293 24.27 3.18 -14.32
C GLU B 293 22.93 2.72 -14.87
N GLU B 294 22.91 1.54 -15.48
CA GLU B 294 21.67 1.02 -16.05
C GLU B 294 20.65 0.75 -14.94
N ILE B 295 21.13 0.38 -13.76
CA ILE B 295 20.26 0.19 -12.62
C ILE B 295 19.77 1.53 -12.13
N LYS B 296 20.71 2.46 -11.94
CA LYS B 296 20.39 3.74 -11.33
C LYS B 296 19.43 4.57 -12.17
N SER B 297 19.43 4.34 -13.48
CA SER B 297 18.57 5.10 -14.37
C SER B 297 17.21 4.43 -14.59
N ASN B 298 16.96 3.29 -13.92
CA ASN B 298 15.67 2.63 -14.09
C ASN B 298 14.54 3.50 -13.56
N SER B 299 13.41 3.44 -14.24
CA SER B 299 12.27 4.30 -13.95
C SER B 299 11.72 4.16 -12.53
N PHE B 300 11.87 2.98 -11.93
CA PHE B 300 11.44 2.78 -10.54
C PHE B 300 12.16 3.74 -9.58
N PHE B 301 13.36 4.18 -9.94
CA PHE B 301 14.13 5.08 -9.09
C PHE B 301 13.90 6.56 -9.40
N GLU B 302 12.90 6.88 -10.21
CA GLU B 302 12.52 8.28 -10.45
C GLU B 302 12.34 8.99 -9.10
N GLY B 303 13.00 10.13 -8.96
CA GLY B 303 12.98 10.85 -7.70
C GLY B 303 14.22 10.66 -6.84
N VAL B 304 14.92 9.57 -7.02
CA VAL B 304 16.08 9.33 -6.20
C VAL B 304 17.18 10.27 -6.58
N ASP B 305 17.78 10.86 -5.58
CA ASP B 305 18.88 11.74 -5.84
C ASP B 305 20.08 10.91 -6.25
N TRP B 306 20.64 10.15 -5.35
CA TRP B 306 21.75 9.25 -5.61
C TRP B 306 23.10 9.87 -5.49
N GLU B 307 23.17 11.04 -4.89
CA GLU B 307 24.45 11.71 -4.76
C GLU B 307 24.17 12.20 -3.33
N HIS B 308 22.90 12.36 -2.98
CA HIS B 308 22.60 12.89 -1.65
C HIS B 308 21.75 11.99 -0.76
N ILE B 309 21.30 10.85 -1.30
CA ILE B 309 20.35 10.00 -0.57
C ILE B 309 20.77 9.68 0.87
N ARG B 310 22.06 9.40 1.12
CA ARG B 310 22.48 9.01 2.46
C ARG B 310 22.71 10.22 3.36
N GLU B 311 22.68 11.41 2.76
CA GLU B 311 22.89 12.63 3.52
C GLU B 311 21.57 13.35 3.80
N ARG B 312 20.47 12.65 3.56
CA ARG B 312 19.12 13.19 3.77
C ARG B 312 18.32 12.19 4.63
N PRO B 313 17.15 12.61 5.17
CA PRO B 313 16.40 11.71 6.06
C PRO B 313 16.08 10.36 5.43
N ALA B 314 16.21 9.29 6.21
CA ALA B 314 15.89 7.95 5.73
C ALA B 314 14.38 7.71 5.68
N ALA B 315 13.94 6.68 4.96
CA ALA B 315 12.52 6.40 4.79
C ALA B 315 11.80 6.11 6.11
N ILE B 316 12.48 5.42 7.01
CA ILE B 316 11.87 5.10 8.31
C ILE B 316 12.80 5.58 9.42
N SER B 317 12.23 6.31 10.36
CA SER B 317 13.03 6.79 11.47
C SER B 317 13.33 5.68 12.43
N ILE B 318 14.58 5.60 12.85
CA ILE B 318 15.03 4.66 13.88
C ILE B 318 14.73 5.26 15.24
N GLU B 319 14.02 4.53 16.08
CA GLU B 319 13.70 5.07 17.39
C GLU B 319 14.55 4.44 18.47
N ILE B 320 15.47 5.22 19.04
CA ILE B 320 16.29 4.73 20.14
C ILE B 320 16.47 5.83 21.16
N LYS B 321 16.74 5.44 22.41
CA LYS B 321 16.82 6.42 23.49
C LYS B 321 18.27 6.66 23.90
N SER B 322 19.16 5.74 23.55
CA SER B 322 20.58 5.88 23.89
C SER B 322 21.51 5.13 22.93
N ILE B 323 22.81 5.33 23.10
CA ILE B 323 23.79 4.73 22.21
C ILE B 323 23.85 3.22 22.38
N ASP B 324 23.38 2.73 23.53
CA ASP B 324 23.36 1.30 23.78
C ASP B 324 21.93 0.74 23.86
N ASP B 325 20.98 1.49 23.31
CA ASP B 325 19.61 1.01 23.15
C ASP B 325 19.54 -0.20 22.21
N THR B 326 19.14 -1.36 22.74
CA THR B 326 19.03 -2.55 21.89
C THR B 326 17.58 -2.97 21.60
N SER B 327 16.61 -2.05 21.73
CA SER B 327 15.20 -2.43 21.56
C SER B 327 14.75 -2.79 20.11
N ASN B 328 15.70 -2.63 19.20
CA ASN B 328 15.56 -2.84 17.77
C ASN B 328 16.04 -4.24 17.39
N PHE B 329 16.52 -4.97 18.39
CA PHE B 329 16.93 -6.36 18.24
C PHE B 329 16.08 -7.31 19.07
N ASP B 330 15.87 -8.51 18.55
CA ASP B 330 15.13 -9.52 19.27
C ASP B 330 15.91 -10.00 20.49
N GLU B 331 15.25 -10.76 21.35
CA GLU B 331 15.84 -11.27 22.58
C GLU B 331 16.53 -12.57 22.28
N PHE B 332 17.76 -12.69 22.75
CA PHE B 332 18.58 -13.87 22.59
C PHE B 332 18.67 -14.20 21.10
N PRO B 333 18.97 -13.27 20.25
CA PRO B 333 18.89 -13.65 18.85
C PRO B 333 20.13 -14.25 18.33
#